data_4UYM
#
_entry.id   4UYM
#
_cell.length_a   109.193
_cell.length_b   109.193
_cell.length_c   90.211
_cell.angle_alpha   90.00
_cell.angle_beta   90.00
_cell.angle_gamma   120.00
#
_symmetry.space_group_name_H-M   'P 31'
#
loop_
_entity.id
_entity.type
_entity.pdbx_description
1 polymer '14-ALPHA STEROL DEMETHYLASE'
2 non-polymer 'PROTOPORPHYRIN IX CONTAINING FE'
3 non-polymer Voriconazole
4 water water
#
_entity_poly.entity_id   1
_entity_poly.type   'polypeptide(L)'
_entity_poly.pdbx_seq_one_letter_code
;KTPPVVFHWFPFIGSTISYGIDPYKFFFDCRAKYGDIFTFILLGKKTTVYLGTKGNDFILNGKLRDVCAEEVYSPLTTPV
FGRHVVYDCPNAKLMEQKKFVKYGLTSDALRSYVPLITDEVESFVKNSPAFQGHKGVFDVCKTIAEITIYTASRSLQGKE
VRSKFDSTFAELYHNLDMGFAPINFMLPWAPLPHNRKRDAAQRKLTETYMEIIKARRQAGSKKDSEDMVWNLMSCVYKNG
TPVPDEEIAHMMIALLMAGQHSSSSTASWIVLRLATRPDIMEELYQEQIRVLGSDLPPLTYDNLQKLDLHAKVIKETLRL
HAPIHSIIRAVKNPMAVDGTSYVIPTSHNVLSSPGVTARSEEHFPNPLEWNPHRWDENIAASAEDDEKVDYGYGLVSKGT
NSPYLPFGAGRHRCIGEQFAYLQLGTITAVLVRLFRFRNLPGVDGIPDTDYSSLFSKPLGRSFVEFEKRH
;
_entity_poly.pdbx_strand_id   A,B
#
loop_
_chem_comp.id
_chem_comp.type
_chem_comp.name
_chem_comp.formula
HEM non-polymer 'PROTOPORPHYRIN IX CONTAINING FE' 'C34 H32 Fe N4 O4'
VOR non-polymer Voriconazole 'C16 H14 F3 N5 O'
#
# COMPACT_ATOMS: atom_id res chain seq x y z
N LYS A 1 33.91 22.26 11.69
CA LYS A 1 32.82 21.42 11.14
C LYS A 1 31.47 22.01 11.50
N THR A 2 31.47 22.98 12.41
CA THR A 2 30.23 23.44 13.03
C THR A 2 29.55 22.17 13.54
N PRO A 3 28.23 22.06 13.32
CA PRO A 3 27.64 20.73 13.48
C PRO A 3 27.77 19.84 12.24
N PRO A 4 28.23 18.60 12.44
CA PRO A 4 28.46 17.71 11.31
C PRO A 4 27.35 17.85 10.28
N VAL A 5 27.72 18.12 9.04
CA VAL A 5 26.75 18.21 7.96
C VAL A 5 26.54 16.83 7.34
N VAL A 6 25.31 16.56 6.94
CA VAL A 6 24.90 15.21 6.58
C VAL A 6 25.15 14.94 5.10
N PHE A 7 25.95 13.92 4.83
CA PHE A 7 26.44 13.68 3.47
C PHE A 7 25.32 13.16 2.58
N HIS A 8 24.98 13.96 1.58
CA HIS A 8 23.82 13.70 0.73
C HIS A 8 24.17 13.96 -0.72
N TRP A 9 23.19 13.80 -1.61
CA TRP A 9 23.48 13.66 -3.04
C TRP A 9 22.90 14.77 -3.92
N PHE A 10 22.27 15.77 -3.31
CA PHE A 10 21.54 16.74 -4.12
C PHE A 10 21.25 18.08 -3.43
N PRO A 11 21.02 19.14 -4.22
CA PRO A 11 20.78 20.39 -3.52
C PRO A 11 19.31 20.52 -3.13
N PHE A 12 19.07 21.19 -2.00
CA PHE A 12 17.71 21.53 -1.62
C PHE A 12 16.94 20.29 -1.20
N ILE A 13 16.84 19.31 -2.10
CA ILE A 13 16.12 18.08 -1.76
C ILE A 13 16.85 17.36 -0.62
N GLY A 14 18.15 17.57 -0.54
CA GLY A 14 18.95 17.14 0.60
C GLY A 14 18.55 15.74 1.04
N SER A 15 18.33 15.55 2.33
CA SER A 15 18.03 14.21 2.80
C SER A 15 16.53 14.02 3.00
N THR A 16 15.75 14.97 2.50
CA THR A 16 14.38 15.04 2.90
C THR A 16 13.68 13.75 2.55
N ILE A 17 13.97 13.20 1.39
CA ILE A 17 13.28 12.01 0.97
C ILE A 17 13.55 10.96 1.99
N SER A 18 14.76 10.96 2.49
CA SER A 18 15.12 10.01 3.51
C SER A 18 14.34 10.23 4.78
N TYR A 19 14.17 11.49 5.13
CA TYR A 19 13.37 11.91 6.28
C TYR A 19 11.92 11.48 6.09
N GLY A 20 11.37 11.81 4.92
CA GLY A 20 9.94 11.68 4.66
C GLY A 20 9.44 10.26 4.78
N ILE A 21 10.23 9.32 4.26
CA ILE A 21 9.82 7.93 4.34
C ILE A 21 9.79 7.43 5.77
N ASP A 22 10.83 7.74 6.53
CA ASP A 22 10.88 7.32 7.92
C ASP A 22 11.89 8.24 8.59
N PRO A 23 11.41 9.06 9.57
CA PRO A 23 12.47 9.91 10.10
C PRO A 23 13.32 9.11 11.05
N TYR A 24 12.67 8.20 11.77
CA TYR A 24 13.32 7.56 12.90
C TYR A 24 14.53 6.76 12.45
N LYS A 25 14.36 5.92 11.43
CA LYS A 25 15.48 5.23 10.82
C LYS A 25 16.52 6.25 10.39
N PHE A 26 16.04 7.30 9.72
CA PHE A 26 16.89 8.36 9.23
C PHE A 26 17.71 8.93 10.38
N PHE A 27 17.03 9.28 11.46
CA PHE A 27 17.68 9.83 12.64
C PHE A 27 18.69 8.85 13.22
N PHE A 28 18.29 7.59 13.30
CA PHE A 28 19.14 6.54 13.88
C PHE A 28 20.41 6.38 13.06
N ASP A 29 20.24 6.16 11.76
CA ASP A 29 21.37 6.09 10.85
C ASP A 29 22.28 7.31 11.05
N CYS A 30 21.65 8.46 11.13
CA CYS A 30 22.42 9.64 11.31
C CYS A 30 23.12 9.46 12.60
N ARG A 31 22.44 8.90 13.59
CA ARG A 31 23.03 8.88 14.92
C ARG A 31 24.27 8.07 14.81
N ALA A 32 24.18 6.96 14.12
CA ALA A 32 25.27 6.03 14.15
C ALA A 32 26.50 6.67 13.59
N LYS A 33 26.34 7.34 12.46
CA LYS A 33 27.46 8.02 11.88
C LYS A 33 27.95 9.23 12.63
N TYR A 34 27.05 10.04 13.13
CA TYR A 34 27.45 11.35 13.62
C TYR A 34 27.14 11.56 15.10
N GLY A 35 26.45 10.62 15.71
CA GLY A 35 26.10 10.77 17.10
C GLY A 35 24.97 11.75 17.30
N ASP A 36 24.87 12.27 18.50
CA ASP A 36 23.69 12.98 18.96
C ASP A 36 23.43 14.28 18.26
N ILE A 37 24.39 14.74 17.47
CA ILE A 37 24.13 15.91 16.63
C ILE A 37 24.31 15.70 15.13
N PHE A 38 23.34 16.17 14.35
CA PHE A 38 23.37 16.10 12.90
C PHE A 38 23.06 17.42 12.31
N THR A 39 23.24 17.47 11.02
CA THR A 39 22.52 18.46 10.22
C THR A 39 22.28 17.87 8.83
N PHE A 40 21.01 17.98 8.47
CA PHE A 40 20.57 17.68 7.12
C PHE A 40 19.62 18.85 7.02
N ILE A 41 19.35 19.17 5.76
CA ILE A 41 18.42 20.22 5.40
C ILE A 41 17.30 19.46 4.71
N LEU A 42 16.07 19.79 5.07
CA LEU A 42 14.93 19.23 4.36
C LEU A 42 14.28 20.39 3.63
N LEU A 43 14.01 20.18 2.36
CA LEU A 43 13.52 21.27 1.54
C LEU A 43 14.55 22.39 1.60
N GLY A 44 14.07 23.60 1.86
CA GLY A 44 14.94 24.78 1.84
C GLY A 44 16.02 24.77 2.89
N LYS A 45 15.68 24.30 4.09
CA LYS A 45 16.25 24.85 5.31
C LYS A 45 17.20 23.90 6.03
N LYS A 46 18.10 24.50 6.81
CA LYS A 46 19.08 23.73 7.58
C LYS A 46 18.45 23.42 8.92
N THR A 47 18.16 22.15 9.15
CA THR A 47 17.49 21.82 10.39
C THR A 47 18.48 21.09 11.28
N THR A 48 18.71 21.68 12.44
CA THR A 48 19.76 21.15 13.29
C THR A 48 19.14 20.28 14.37
N VAL A 49 19.69 19.07 14.47
CA VAL A 49 19.03 18.08 15.28
C VAL A 49 19.83 17.75 16.53
N TYR A 50 19.15 17.88 17.66
CA TYR A 50 19.84 17.45 18.85
C TYR A 50 19.08 16.29 19.45
N LEU A 51 19.68 15.11 19.40
CA LEU A 51 19.07 13.93 19.99
C LEU A 51 19.43 13.84 21.47
N GLY A 52 18.79 12.90 22.16
CA GLY A 52 19.07 12.64 23.56
C GLY A 52 18.25 13.52 24.48
N THR A 53 18.12 13.08 25.73
CA THR A 53 17.41 13.85 26.74
C THR A 53 17.94 15.27 26.82
N LYS A 54 19.26 15.42 26.82
CA LYS A 54 19.89 16.73 26.77
C LYS A 54 19.46 17.42 25.47
N GLY A 55 19.59 16.68 24.37
CA GLY A 55 19.10 17.13 23.08
C GLY A 55 17.66 17.60 23.16
N ASN A 56 16.82 16.81 23.84
CA ASN A 56 15.43 17.20 24.07
C ASN A 56 15.35 18.47 24.90
N ASP A 57 16.01 18.45 26.06
CA ASP A 57 15.92 19.54 27.01
C ASP A 57 16.38 20.86 26.39
N PHE A 58 17.52 20.81 25.71
CA PHE A 58 18.11 22.00 25.10
C PHE A 58 17.07 22.78 24.31
N ILE A 59 16.35 22.06 23.47
CA ILE A 59 15.43 22.67 22.51
C ILE A 59 14.09 23.01 23.15
N LEU A 60 13.59 22.08 23.97
CA LEU A 60 12.26 22.21 24.54
C LEU A 60 12.22 23.24 25.66
N ASN A 61 13.31 23.29 26.43
CA ASN A 61 13.46 24.29 27.48
C ASN A 61 14.39 25.41 27.04
N GLY A 62 14.63 25.46 25.73
CA GLY A 62 15.40 26.55 25.14
C GLY A 62 14.80 27.89 25.51
N LYS A 63 15.63 28.92 25.53
CA LYS A 63 15.22 30.23 25.99
C LYS A 63 14.32 30.92 24.96
N LEU A 64 13.35 31.66 25.47
CA LEU A 64 12.30 32.25 24.63
C LEU A 64 12.88 33.05 23.48
N ARG A 65 13.93 33.80 23.75
CA ARG A 65 14.58 34.63 22.75
C ARG A 65 15.28 33.79 21.69
N ASP A 66 15.87 32.68 22.13
CA ASP A 66 16.81 31.93 21.30
C ASP A 66 16.12 31.02 20.29
N VAL A 67 14.98 30.45 20.68
CA VAL A 67 14.20 29.61 19.77
C VAL A 67 12.76 30.10 19.66
N CYS A 68 12.23 30.06 18.44
CA CYS A 68 10.88 30.54 18.17
C CYS A 68 10.04 29.43 17.52
N ALA A 69 8.86 29.20 18.08
CA ALA A 69 8.00 28.11 17.63
C ALA A 69 7.14 28.54 16.43
N GLU A 70 6.64 29.77 16.49
CA GLU A 70 5.57 30.20 15.60
C GLU A 70 6.05 30.42 14.16
N GLU A 71 7.25 30.98 14.01
CA GLU A 71 7.79 31.28 12.69
C GLU A 71 7.89 30.01 11.84
N VAL A 72 8.02 28.88 12.51
CA VAL A 72 8.14 27.60 11.83
C VAL A 72 6.78 27.07 11.38
N TYR A 73 5.77 27.23 12.23
CA TYR A 73 4.49 26.56 12.01
C TYR A 73 3.38 27.51 11.56
N SER A 74 3.58 28.80 11.78
CA SER A 74 2.52 29.77 11.58
C SER A 74 1.95 29.77 10.16
N PRO A 75 2.82 29.87 9.15
CA PRO A 75 2.23 29.87 7.81
C PRO A 75 1.30 28.69 7.56
N LEU A 76 1.82 27.48 7.80
CA LEU A 76 1.08 26.25 7.55
C LEU A 76 -0.21 26.21 8.36
N THR A 77 -0.07 26.43 9.67
CA THR A 77 -1.20 26.25 10.59
C THR A 77 -2.19 27.41 10.48
N THR A 78 -1.67 28.61 10.31
CA THR A 78 -2.48 29.82 10.43
C THR A 78 -3.59 29.88 9.38
N PRO A 79 -3.28 29.52 8.13
CA PRO A 79 -4.36 29.50 7.16
C PRO A 79 -5.49 28.56 7.60
N VAL A 80 -5.12 27.49 8.29
CA VAL A 80 -6.07 26.47 8.71
C VAL A 80 -6.91 26.90 9.91
N PHE A 81 -6.23 27.18 11.02
CA PHE A 81 -6.92 27.50 12.27
C PHE A 81 -7.64 28.84 12.18
N GLY A 82 -6.92 29.82 11.64
CA GLY A 82 -7.43 31.19 11.56
C GLY A 82 -6.48 32.17 12.23
N ARG A 83 -6.87 33.44 12.23
CA ARG A 83 -5.97 34.51 12.67
C ARG A 83 -6.04 34.74 14.17
N HIS A 84 -4.90 35.09 14.75
CA HIS A 84 -4.84 35.61 16.11
C HIS A 84 -4.75 34.56 17.19
N VAL A 85 -4.68 33.30 16.78
CA VAL A 85 -4.71 32.24 17.79
C VAL A 85 -3.55 31.30 17.56
N VAL A 86 -3.11 30.64 18.60
CA VAL A 86 -2.03 29.73 18.42
C VAL A 86 -0.86 30.52 17.92
N TYR A 87 -0.42 30.28 16.72
CA TYR A 87 0.81 30.88 16.24
C TYR A 87 0.70 32.20 15.52
N ASP A 88 -0.49 32.79 15.51
CA ASP A 88 -0.67 34.04 14.79
C ASP A 88 -0.51 35.21 15.75
N CYS A 89 0.25 34.97 16.82
CA CYS A 89 0.37 35.96 17.87
C CYS A 89 1.69 35.75 18.61
N PRO A 90 2.15 36.78 19.34
CA PRO A 90 3.32 36.53 20.17
C PRO A 90 3.08 35.47 21.22
N ASN A 91 4.17 34.88 21.71
CA ASN A 91 4.08 33.78 22.66
C ASN A 91 3.20 34.10 23.86
N ALA A 92 3.42 35.26 24.46
CA ALA A 92 2.66 35.67 25.64
C ALA A 92 1.17 35.44 25.40
N LYS A 93 0.69 35.81 24.23
CA LYS A 93 -0.71 35.63 23.89
C LYS A 93 -1.08 34.16 23.85
N LEU A 94 -0.18 33.36 23.29
CA LEU A 94 -0.37 31.91 23.24
C LEU A 94 -0.60 31.35 24.65
N MET A 95 0.23 31.79 25.58
CA MET A 95 0.19 31.28 26.95
C MET A 95 -1.16 31.53 27.59
N GLU A 96 -1.72 32.72 27.34
CA GLU A 96 -3.05 33.05 27.87
C GLU A 96 -4.12 32.21 27.20
N GLN A 97 -3.91 31.87 25.94
CA GLN A 97 -4.86 31.04 25.20
C GLN A 97 -4.81 29.60 25.68
N LYS A 98 -3.63 29.14 26.02
CA LYS A 98 -3.52 27.86 26.64
C LYS A 98 -4.22 27.89 27.96
N LYS A 99 -4.03 28.95 28.70
CA LYS A 99 -4.64 29.09 30.02
C LYS A 99 -6.16 28.90 29.95
N PHE A 100 -6.78 29.55 28.96
CA PHE A 100 -8.23 29.48 28.81
C PHE A 100 -8.67 28.04 28.56
N VAL A 101 -7.93 27.33 27.73
CA VAL A 101 -8.27 25.96 27.37
C VAL A 101 -8.10 25.03 28.57
N LYS A 102 -6.92 25.10 29.20
CA LYS A 102 -6.66 24.33 30.41
C LYS A 102 -7.71 24.66 31.46
N TYR A 103 -8.02 25.95 31.59
CA TYR A 103 -9.13 26.40 32.42
C TYR A 103 -10.38 25.58 32.12
N GLY A 104 -10.63 25.36 30.82
CA GLY A 104 -11.85 24.69 30.38
C GLY A 104 -11.76 23.19 30.46
N LEU A 105 -10.62 22.69 30.93
CA LEU A 105 -10.37 21.26 30.98
C LEU A 105 -10.10 20.78 32.40
N THR A 106 -10.82 21.34 33.36
CA THR A 106 -10.71 20.90 34.75
C THR A 106 -11.45 19.59 34.94
N SER A 107 -11.21 18.95 36.08
CA SER A 107 -11.68 17.59 36.32
C SER A 107 -13.20 17.50 36.22
N ASP A 108 -13.89 18.53 36.68
CA ASP A 108 -15.34 18.52 36.73
C ASP A 108 -15.94 18.59 35.34
N ALA A 109 -15.22 19.23 34.42
CA ALA A 109 -15.56 19.19 33.01
C ALA A 109 -15.23 17.82 32.43
N LEU A 110 -14.04 17.33 32.76
CA LEU A 110 -13.62 16.01 32.32
C LEU A 110 -14.61 14.94 32.74
N ARG A 111 -15.00 14.99 34.02
CA ARG A 111 -16.02 14.09 34.56
C ARG A 111 -17.26 14.10 33.68
N SER A 112 -17.69 15.31 33.30
CA SER A 112 -18.93 15.49 32.55
C SER A 112 -18.83 14.85 31.18
N TYR A 113 -17.60 14.72 30.69
CA TYR A 113 -17.37 14.24 29.33
C TYR A 113 -17.56 12.73 29.19
N VAL A 114 -17.23 12.00 30.26
CA VAL A 114 -17.09 10.54 30.16
C VAL A 114 -18.38 9.89 29.69
N PRO A 115 -19.52 10.25 30.33
CA PRO A 115 -20.80 9.70 29.90
C PRO A 115 -21.13 10.02 28.45
N LEU A 116 -20.80 11.25 28.03
CA LEU A 116 -21.05 11.66 26.66
C LEU A 116 -20.27 10.79 25.69
N ILE A 117 -19.00 10.58 26.01
CA ILE A 117 -18.11 9.78 25.16
C ILE A 117 -18.56 8.33 25.06
N THR A 118 -18.91 7.73 26.20
CA THR A 118 -19.40 6.36 26.21
C THR A 118 -20.68 6.27 25.41
N ASP A 119 -21.47 7.34 25.44
CA ASP A 119 -22.75 7.39 24.73
C ASP A 119 -22.54 7.43 23.22
N GLU A 120 -21.63 8.30 22.79
CA GLU A 120 -21.35 8.45 21.36
C GLU A 120 -20.80 7.14 20.78
N VAL A 121 -19.90 6.50 21.51
CA VAL A 121 -19.30 5.26 21.05
C VAL A 121 -20.36 4.16 20.96
N GLU A 122 -21.15 4.00 22.02
CA GLU A 122 -22.20 3.00 22.06
C GLU A 122 -23.24 3.25 20.96
N SER A 123 -23.55 4.52 20.75
CA SER A 123 -24.50 4.91 19.71
C SER A 123 -23.93 4.60 18.33
N PHE A 124 -22.65 4.87 18.15
CA PHE A 124 -21.99 4.60 16.87
C PHE A 124 -22.07 3.12 16.52
N VAL A 125 -21.70 2.27 17.48
CA VAL A 125 -21.64 0.84 17.24
C VAL A 125 -23.01 0.30 16.84
N LYS A 126 -24.06 0.87 17.45
CA LYS A 126 -25.43 0.42 17.22
C LYS A 126 -25.95 0.89 15.86
N ASN A 127 -25.62 2.13 15.50
CA ASN A 127 -26.26 2.78 14.37
C ASN A 127 -25.41 2.78 13.10
N SER A 128 -24.10 2.61 13.27
CA SER A 128 -23.17 2.61 12.15
C SER A 128 -23.23 1.29 11.38
N PRO A 129 -22.98 1.35 10.06
CA PRO A 129 -22.84 0.16 9.23
C PRO A 129 -21.56 -0.61 9.51
N ALA A 130 -20.64 0.01 10.26
CA ALA A 130 -19.30 -0.54 10.43
C ALA A 130 -19.30 -1.88 11.15
N PHE A 131 -20.12 -2.00 12.20
CA PHE A 131 -20.06 -3.17 13.08
C PHE A 131 -21.35 -3.96 13.08
N GLN A 132 -22.13 -3.84 12.01
CA GLN A 132 -23.39 -4.58 11.92
C GLN A 132 -23.12 -6.07 11.73
N GLY A 133 -23.80 -6.89 12.52
CA GLY A 133 -23.59 -8.33 12.49
C GLY A 133 -22.65 -8.78 13.58
N HIS A 134 -22.62 -10.08 13.82
CA HIS A 134 -21.88 -10.66 14.94
C HIS A 134 -20.39 -10.75 14.67
N LYS A 135 -20.05 -11.12 13.44
CA LYS A 135 -18.65 -11.24 13.02
C LYS A 135 -18.46 -10.42 11.75
N GLY A 136 -17.30 -9.79 11.61
CA GLY A 136 -17.09 -8.83 10.52
C GLY A 136 -15.67 -8.35 10.36
N VAL A 137 -15.43 -7.63 9.27
CA VAL A 137 -14.22 -6.85 9.09
C VAL A 137 -14.59 -5.38 8.97
N PHE A 138 -13.69 -4.49 9.40
CA PHE A 138 -13.93 -3.07 9.27
C PHE A 138 -12.66 -2.28 8.94
N ASP A 139 -12.88 -1.11 8.33
CA ASP A 139 -11.78 -0.22 7.95
C ASP A 139 -11.40 0.64 9.16
N VAL A 140 -10.23 0.33 9.73
CA VAL A 140 -9.89 0.80 11.07
C VAL A 140 -9.83 2.32 11.15
N CYS A 141 -9.01 2.93 10.30
CA CYS A 141 -8.76 4.36 10.37
C CYS A 141 -10.04 5.14 10.09
N LYS A 142 -10.73 4.79 9.03
CA LYS A 142 -11.99 5.43 8.67
C LYS A 142 -12.99 5.31 9.81
N THR A 143 -13.10 4.10 10.34
CA THR A 143 -14.05 3.82 11.42
C THR A 143 -13.66 4.56 12.69
N ILE A 144 -12.38 4.50 13.04
CA ILE A 144 -11.89 5.12 14.26
C ILE A 144 -11.90 6.64 14.19
N ALA A 145 -11.60 7.18 13.01
CA ALA A 145 -11.60 8.63 12.82
C ALA A 145 -12.98 9.22 13.07
N GLU A 146 -14.00 8.48 12.65
CA GLU A 146 -15.39 8.91 12.84
C GLU A 146 -15.73 8.95 14.32
N ILE A 147 -15.30 7.91 15.04
CA ILE A 147 -15.62 7.78 16.45
C ILE A 147 -14.99 8.91 17.26
N THR A 148 -13.73 9.21 16.99
CA THR A 148 -13.03 10.26 17.69
C THR A 148 -13.63 11.64 17.40
N ILE A 149 -14.06 11.85 16.16
CA ILE A 149 -14.67 13.12 15.78
C ILE A 149 -16.02 13.30 16.45
N TYR A 150 -16.76 12.20 16.61
CA TYR A 150 -18.06 12.25 17.29
C TYR A 150 -17.87 12.48 18.78
N THR A 151 -16.91 11.78 19.37
CA THR A 151 -16.73 11.80 20.82
C THR A 151 -16.16 13.14 21.28
N ALA A 152 -15.27 13.73 20.49
CA ALA A 152 -14.65 14.99 20.85
C ALA A 152 -15.60 16.17 20.64
N SER A 153 -16.41 16.09 19.59
CA SER A 153 -17.32 17.18 19.24
C SER A 153 -18.49 17.26 20.22
N ARG A 154 -18.93 16.09 20.69
CA ARG A 154 -20.02 16.05 21.66
C ARG A 154 -19.57 16.62 23.01
N SER A 155 -18.40 16.21 23.45
CA SER A 155 -17.91 16.58 24.77
C SER A 155 -17.29 17.98 24.75
N LEU A 156 -16.34 18.19 23.86
CA LEU A 156 -15.49 19.38 23.89
C LEU A 156 -16.10 20.53 23.09
N GLN A 157 -16.56 20.23 21.88
CA GLN A 157 -17.09 21.25 20.99
C GLN A 157 -18.53 21.60 21.33
N GLY A 158 -19.29 20.61 21.79
CA GLY A 158 -20.64 20.84 22.29
C GLY A 158 -21.73 20.35 21.36
N LYS A 159 -22.97 20.58 21.74
CA LYS A 159 -24.13 20.03 21.05
C LYS A 159 -24.23 20.47 19.60
N GLU A 160 -24.16 21.79 19.39
CA GLU A 160 -24.40 22.36 18.07
C GLU A 160 -23.37 21.82 17.06
N VAL A 161 -22.11 21.83 17.45
CA VAL A 161 -21.04 21.32 16.60
C VAL A 161 -21.26 19.84 16.30
N ARG A 162 -21.61 19.08 17.33
CA ARG A 162 -21.88 17.65 17.17
C ARG A 162 -23.01 17.46 16.16
N SER A 163 -24.05 18.26 16.29
CA SER A 163 -25.19 18.21 15.38
C SER A 163 -24.76 18.48 13.94
N LYS A 164 -23.87 19.44 13.78
CA LYS A 164 -23.39 19.85 12.49
C LYS A 164 -22.67 18.74 11.75
N PHE A 165 -21.96 17.93 12.48
CA PHE A 165 -21.19 16.88 11.88
C PHE A 165 -22.11 15.94 11.16
N ASP A 166 -23.35 15.93 11.57
CA ASP A 166 -24.35 15.25 10.80
C ASP A 166 -24.53 15.91 9.43
N SER A 167 -24.47 17.23 9.37
CA SER A 167 -24.58 17.90 8.08
C SER A 167 -23.59 19.01 7.88
N THR A 168 -22.83 18.97 6.82
CA THR A 168 -22.02 20.15 6.51
C THR A 168 -20.70 20.42 7.22
N PHE A 169 -20.38 19.64 8.24
CA PHE A 169 -19.21 19.92 9.07
C PHE A 169 -18.25 18.86 8.55
N ALA A 170 -18.80 17.69 8.20
CA ALA A 170 -17.98 16.60 7.68
C ALA A 170 -17.18 17.09 6.47
N GLU A 171 -17.88 17.68 5.50
CA GLU A 171 -17.22 18.17 4.29
C GLU A 171 -16.27 19.33 4.59
N LEU A 172 -16.72 20.24 5.46
CA LEU A 172 -15.89 21.39 5.81
C LEU A 172 -14.56 20.92 6.37
N TYR A 173 -14.63 20.00 7.33
CA TYR A 173 -13.44 19.45 7.98
C TYR A 173 -12.51 18.83 6.94
N HIS A 174 -13.09 18.06 6.03
CA HIS A 174 -12.34 17.36 5.00
C HIS A 174 -11.64 18.37 4.09
N ASN A 175 -12.36 19.42 3.72
CA ASN A 175 -11.81 20.49 2.90
C ASN A 175 -10.70 21.25 3.63
N LEU A 176 -11.01 21.66 4.85
CA LEU A 176 -10.04 22.37 5.69
C LEU A 176 -8.79 21.51 5.90
N ASP A 177 -9.00 20.20 6.01
CA ASP A 177 -7.93 19.28 6.36
C ASP A 177 -6.90 19.22 5.24
N MET A 178 -7.34 19.59 4.04
CA MET A 178 -6.46 19.64 2.88
C MET A 178 -5.35 20.67 3.09
N GLY A 179 -5.54 21.52 4.09
CA GLY A 179 -4.54 22.54 4.43
C GLY A 179 -3.26 21.91 4.95
N PHE A 180 -3.34 20.63 5.29
CA PHE A 180 -2.20 19.90 5.81
C PHE A 180 -1.57 19.02 4.75
N ALA A 181 -1.64 19.48 3.51
CA ALA A 181 -1.11 18.72 2.37
C ALA A 181 0.39 18.94 2.25
N PRO A 182 1.12 17.90 1.85
CA PRO A 182 2.58 17.95 1.84
C PRO A 182 3.14 19.08 0.99
N ILE A 183 2.44 19.44 -0.09
CA ILE A 183 2.85 20.58 -0.90
C ILE A 183 2.71 21.86 -0.09
N ASN A 184 1.76 21.86 0.83
CA ASN A 184 1.54 23.00 1.72
C ASN A 184 2.67 23.17 2.73
N PHE A 185 3.57 22.19 2.78
CA PHE A 185 4.82 22.33 3.51
C PHE A 185 5.64 23.47 2.91
N MET A 186 5.55 23.62 1.59
CA MET A 186 6.31 24.65 0.88
C MET A 186 5.41 25.81 0.45
N LEU A 187 4.20 25.48 -0.01
CA LEU A 187 3.40 26.40 -0.79
C LEU A 187 2.07 26.74 -0.11
N PRO A 188 2.09 26.91 1.21
CA PRO A 188 0.83 27.21 1.89
C PRO A 188 0.11 28.42 1.29
N TRP A 189 0.87 29.39 0.81
CA TRP A 189 0.30 30.65 0.33
C TRP A 189 -0.35 30.53 -1.04
N ALA A 190 0.22 29.69 -1.90
CA ALA A 190 -0.21 29.62 -3.30
C ALA A 190 -1.68 29.25 -3.43
N PRO A 191 -2.37 29.78 -4.45
CA PRO A 191 -3.78 29.48 -4.60
C PRO A 191 -4.08 28.26 -5.47
N LEU A 192 -3.41 27.15 -5.17
CA LEU A 192 -3.80 25.85 -5.70
C LEU A 192 -5.26 25.60 -5.31
N PRO A 193 -5.98 24.82 -6.13
CA PRO A 193 -7.39 24.62 -5.78
C PRO A 193 -7.60 24.14 -4.35
N HIS A 194 -6.75 23.22 -3.90
CA HIS A 194 -6.91 22.65 -2.57
C HIS A 194 -6.74 23.71 -1.50
N ASN A 195 -5.87 24.68 -1.78
CA ASN A 195 -5.70 25.83 -0.89
C ASN A 195 -6.92 26.74 -0.90
N ARG A 196 -7.54 26.89 -2.07
CA ARG A 196 -8.72 27.73 -2.20
C ARG A 196 -9.92 27.08 -1.52
N LYS A 197 -9.95 25.75 -1.55
CA LYS A 197 -10.94 24.98 -0.82
C LYS A 197 -10.72 25.16 0.69
N ARG A 198 -9.46 25.08 1.09
CA ARG A 198 -9.08 25.23 2.49
C ARG A 198 -9.55 26.57 3.04
N ASP A 199 -9.28 27.64 2.29
CA ASP A 199 -9.63 28.99 2.72
C ASP A 199 -11.14 29.13 2.81
N ALA A 200 -11.84 28.53 1.86
CA ALA A 200 -13.29 28.60 1.80
C ALA A 200 -13.91 27.96 3.04
N ALA A 201 -13.36 26.82 3.44
CA ALA A 201 -13.89 26.08 4.59
C ALA A 201 -13.62 26.83 5.88
N GLN A 202 -12.41 27.37 6.00
CA GLN A 202 -11.98 28.08 7.20
C GLN A 202 -12.92 29.25 7.52
N ARG A 203 -13.28 30.00 6.48
CA ARG A 203 -14.19 31.13 6.62
C ARG A 203 -15.56 30.63 7.08
N LYS A 204 -16.06 29.60 6.40
CA LYS A 204 -17.39 29.06 6.64
C LYS A 204 -17.52 28.52 8.07
N LEU A 205 -16.51 27.75 8.50
CA LEU A 205 -16.49 27.24 9.86
C LEU A 205 -16.59 28.40 10.86
N THR A 206 -15.80 29.44 10.59
CA THR A 206 -15.75 30.59 11.49
C THR A 206 -17.11 31.26 11.60
N GLU A 207 -17.81 31.40 10.48
CA GLU A 207 -19.14 32.00 10.49
C GLU A 207 -20.10 31.16 11.33
N THR A 208 -19.97 29.85 11.22
CA THR A 208 -20.86 28.94 11.93
C THR A 208 -20.64 29.01 13.43
N TYR A 209 -19.38 28.84 13.85
CA TYR A 209 -19.02 28.93 15.26
C TYR A 209 -19.55 30.22 15.86
N MET A 210 -19.41 31.30 15.08
CA MET A 210 -19.78 32.63 15.56
C MET A 210 -21.29 32.77 15.70
N GLU A 211 -22.03 32.13 14.80
CA GLU A 211 -23.48 32.11 14.89
C GLU A 211 -23.93 31.30 16.10
N ILE A 212 -23.23 30.20 16.37
CA ILE A 212 -23.54 29.36 17.51
C ILE A 212 -23.39 30.16 18.80
N ILE A 213 -22.25 30.84 18.93
CA ILE A 213 -22.01 31.72 20.07
C ILE A 213 -23.09 32.78 20.20
N LYS A 214 -23.33 33.51 19.11
CA LYS A 214 -24.28 34.62 19.12
C LYS A 214 -25.66 34.15 19.57
N ALA A 215 -26.02 32.95 19.13
CA ALA A 215 -27.29 32.34 19.50
C ALA A 215 -27.36 32.09 21.00
N ARG A 216 -26.24 31.68 21.56
CA ARG A 216 -26.13 31.42 22.97
C ARG A 216 -26.32 32.67 23.79
N ARG A 217 -25.71 33.74 23.33
CA ARG A 217 -25.83 35.04 23.97
C ARG A 217 -27.27 35.51 23.85
N GLN A 218 -27.84 35.35 22.67
CA GLN A 218 -29.21 35.77 22.39
C GLN A 218 -30.18 35.20 23.42
N ALA A 219 -29.94 33.95 23.84
CA ALA A 219 -30.68 33.42 24.97
C ALA A 219 -29.96 33.69 26.29
N GLY A 220 -28.70 34.09 26.18
CA GLY A 220 -27.91 34.44 27.36
C GLY A 220 -27.91 33.36 28.42
N SER A 221 -27.77 32.11 28.02
CA SER A 221 -27.92 30.98 28.93
C SER A 221 -26.59 30.33 29.32
N LYS A 222 -26.71 29.25 30.08
CA LYS A 222 -25.71 28.18 30.11
C LYS A 222 -26.28 26.78 30.34
N LYS A 223 -25.49 25.76 30.00
CA LYS A 223 -25.73 24.34 30.30
C LYS A 223 -24.40 23.65 30.11
N ASP A 224 -24.23 22.41 30.50
CA ASP A 224 -22.87 21.93 30.79
C ASP A 224 -21.87 22.11 29.66
N SER A 225 -20.74 22.70 30.01
CA SER A 225 -19.36 22.25 30.14
C SER A 225 -18.40 22.10 28.95
N GLU A 226 -18.80 22.50 27.77
CA GLU A 226 -17.89 22.52 26.64
C GLU A 226 -16.95 23.70 26.65
N ASP A 227 -15.81 23.62 25.98
CA ASP A 227 -14.83 24.70 25.98
C ASP A 227 -15.50 25.97 25.45
N MET A 228 -16.59 25.75 24.71
CA MET A 228 -17.37 26.83 24.13
C MET A 228 -18.05 27.73 25.15
N VAL A 229 -18.84 27.16 26.06
CA VAL A 229 -19.59 28.00 27.00
C VAL A 229 -18.54 28.47 27.99
N TRP A 230 -17.32 28.00 27.75
CA TRP A 230 -16.21 28.29 28.65
C TRP A 230 -15.41 29.47 28.14
N ASN A 231 -15.19 29.52 26.83
CA ASN A 231 -14.47 30.62 26.22
C ASN A 231 -15.34 31.87 26.13
N LEU A 232 -16.65 31.67 26.12
CA LEU A 232 -17.60 32.77 26.20
C LEU A 232 -17.35 33.58 27.46
N MET A 233 -17.02 32.88 28.53
CA MET A 233 -16.89 33.51 29.83
C MET A 233 -15.42 33.76 30.17
N SER A 234 -14.57 32.81 29.79
CA SER A 234 -13.15 32.95 30.07
C SER A 234 -12.69 33.93 29.00
N CYS A 235 -13.51 34.95 28.93
CA CYS A 235 -13.37 35.91 27.90
C CYS A 235 -12.04 36.58 28.10
N VAL A 236 -11.75 36.99 29.33
CA VAL A 236 -10.75 38.02 29.53
C VAL A 236 -9.27 37.77 29.70
N TYR A 237 -8.52 38.54 28.94
CA TYR A 237 -7.07 38.60 29.05
C TYR A 237 -6.72 39.47 30.21
N LYS A 238 -5.44 39.51 30.54
CA LYS A 238 -4.94 40.30 31.64
C LYS A 238 -5.25 41.73 31.37
N ASN A 239 -5.17 42.14 30.12
CA ASN A 239 -5.39 43.51 29.79
C ASN A 239 -6.78 43.91 30.16
N GLY A 240 -7.63 42.93 30.42
CA GLY A 240 -9.02 43.16 30.74
C GLY A 240 -9.94 43.02 29.56
N THR A 241 -9.39 42.60 28.44
CA THR A 241 -10.21 42.37 27.27
C THR A 241 -10.77 40.95 27.20
N PRO A 242 -12.14 40.89 27.00
CA PRO A 242 -12.66 39.54 26.82
C PRO A 242 -12.31 39.02 25.45
N VAL A 243 -12.18 37.70 25.31
CA VAL A 243 -11.79 37.09 24.04
C VAL A 243 -12.91 37.24 23.03
N PRO A 244 -12.60 37.80 21.85
CA PRO A 244 -13.64 38.03 20.87
C PRO A 244 -14.17 36.73 20.26
N ASP A 245 -15.44 36.75 19.87
CA ASP A 245 -16.09 35.57 19.30
C ASP A 245 -15.23 34.93 18.21
N GLU A 246 -14.61 35.75 17.38
CA GLU A 246 -13.82 35.26 16.25
C GLU A 246 -12.65 34.44 16.75
N GLU A 247 -11.95 34.95 17.76
CA GLU A 247 -10.85 34.22 18.38
C GLU A 247 -11.33 32.89 18.96
N ILE A 248 -12.46 32.93 19.66
CA ILE A 248 -13.08 31.72 20.21
C ILE A 248 -13.30 30.71 19.08
N ALA A 249 -13.84 31.19 17.97
CA ALA A 249 -14.11 30.35 16.82
C ALA A 249 -12.83 29.68 16.31
N HIS A 250 -11.77 30.48 16.21
CA HIS A 250 -10.51 29.99 15.64
C HIS A 250 -9.79 29.07 16.61
N MET A 251 -10.03 29.28 17.91
CA MET A 251 -9.46 28.42 18.94
C MET A 251 -10.11 27.04 18.86
N MET A 252 -11.44 27.04 18.78
CA MET A 252 -12.19 25.80 18.66
C MET A 252 -11.72 25.00 17.46
N ILE A 253 -11.54 25.69 16.33
CA ILE A 253 -11.07 25.05 15.11
C ILE A 253 -9.72 24.39 15.33
N ALA A 254 -8.82 25.12 15.99
CA ALA A 254 -7.49 24.62 16.31
C ALA A 254 -7.58 23.35 17.15
N LEU A 255 -8.43 23.39 18.18
CA LEU A 255 -8.60 22.26 19.09
C LEU A 255 -9.18 21.08 18.33
N LEU A 256 -10.19 21.37 17.51
CA LEU A 256 -10.82 20.36 16.65
C LEU A 256 -9.79 19.60 15.83
N MET A 257 -9.02 20.35 15.03
CA MET A 257 -8.04 19.74 14.14
C MET A 257 -6.99 18.98 14.93
N ALA A 258 -6.42 19.66 15.93
CA ALA A 258 -5.37 19.07 16.77
C ALA A 258 -5.81 17.76 17.39
N GLY A 259 -6.93 17.80 18.11
CA GLY A 259 -7.44 16.61 18.79
C GLY A 259 -7.72 15.48 17.82
N GLN A 260 -8.37 15.82 16.72
CA GLN A 260 -8.82 14.81 15.75
C GLN A 260 -7.65 14.05 15.14
N HIS A 261 -6.63 14.78 14.71
CA HIS A 261 -5.49 14.18 14.02
C HIS A 261 -4.67 13.32 14.97
N SER A 262 -4.50 13.81 16.19
CA SER A 262 -3.73 13.12 17.21
C SER A 262 -4.50 11.90 17.71
N SER A 263 -5.77 12.11 18.02
CA SER A 263 -6.62 11.06 18.59
C SER A 263 -6.82 9.91 17.62
N SER A 264 -7.25 10.26 16.40
CA SER A 264 -7.63 9.26 15.42
C SER A 264 -6.47 8.33 15.09
N SER A 265 -5.29 8.91 14.95
CA SER A 265 -4.08 8.15 14.63
C SER A 265 -3.76 7.19 15.77
N THR A 266 -3.67 7.73 16.97
CA THR A 266 -3.32 6.95 18.15
C THR A 266 -4.33 5.84 18.38
N ALA A 267 -5.61 6.20 18.32
CA ALA A 267 -6.69 5.25 18.52
C ALA A 267 -6.60 4.12 17.49
N SER A 268 -6.27 4.50 16.26
CA SER A 268 -6.11 3.52 15.18
C SER A 268 -5.01 2.52 15.52
N TRP A 269 -3.89 3.02 16.01
CA TRP A 269 -2.74 2.18 16.36
C TRP A 269 -3.10 1.22 17.49
N ILE A 270 -3.95 1.68 18.40
CA ILE A 270 -4.38 0.88 19.53
C ILE A 270 -5.20 -0.32 19.06
N VAL A 271 -6.16 -0.07 18.17
CA VAL A 271 -6.98 -1.14 17.61
C VAL A 271 -6.11 -2.11 16.81
N LEU A 272 -5.15 -1.56 16.08
CA LEU A 272 -4.27 -2.37 15.24
C LEU A 272 -3.38 -3.26 16.11
N ARG A 273 -2.78 -2.66 17.13
CA ARG A 273 -1.93 -3.40 18.06
C ARG A 273 -2.70 -4.51 18.77
N LEU A 274 -3.90 -4.16 19.22
CA LEU A 274 -4.76 -5.12 19.93
C LEU A 274 -5.11 -6.30 19.03
N ALA A 275 -5.32 -6.02 17.75
CA ALA A 275 -5.62 -7.05 16.77
C ALA A 275 -4.47 -8.06 16.70
N THR A 276 -3.25 -7.56 16.80
CA THR A 276 -2.06 -8.41 16.76
C THR A 276 -1.93 -9.22 18.04
N ARG A 277 -2.53 -8.72 19.11
CA ARG A 277 -2.34 -9.29 20.44
C ARG A 277 -3.67 -9.62 21.10
N PRO A 278 -4.29 -10.74 20.69
CA PRO A 278 -5.55 -11.12 21.31
C PRO A 278 -5.42 -11.36 22.81
N ASP A 279 -4.21 -11.72 23.24
CA ASP A 279 -3.97 -12.02 24.65
C ASP A 279 -4.14 -10.78 25.52
N ILE A 280 -3.60 -9.66 25.03
CA ILE A 280 -3.70 -8.39 25.75
C ILE A 280 -5.17 -7.98 25.89
N MET A 281 -5.89 -8.08 24.79
CA MET A 281 -7.28 -7.62 24.74
C MET A 281 -8.13 -8.36 25.76
N GLU A 282 -7.90 -9.67 25.87
CA GLU A 282 -8.62 -10.48 26.83
C GLU A 282 -8.26 -10.04 28.25
N GLU A 283 -6.97 -9.81 28.47
CA GLU A 283 -6.48 -9.33 29.75
C GLU A 283 -7.14 -8.00 30.11
N LEU A 284 -7.21 -7.10 29.13
CA LEU A 284 -7.90 -5.83 29.31
C LEU A 284 -9.32 -6.09 29.78
N TYR A 285 -10.01 -6.95 29.03
CA TYR A 285 -11.37 -7.35 29.36
C TYR A 285 -11.45 -7.96 30.75
N GLN A 286 -10.48 -8.81 31.07
CA GLN A 286 -10.44 -9.47 32.37
C GLN A 286 -10.21 -8.45 33.48
N GLU A 287 -9.47 -7.39 33.16
CA GLU A 287 -9.21 -6.32 34.11
C GLU A 287 -10.52 -5.62 34.49
N GLN A 288 -11.37 -5.40 33.50
CA GLN A 288 -12.63 -4.69 33.74
C GLN A 288 -13.55 -5.50 34.64
N ILE A 289 -13.59 -6.81 34.41
CA ILE A 289 -14.41 -7.71 35.22
C ILE A 289 -13.92 -7.66 36.67
N ARG A 290 -12.60 -7.77 36.82
CA ARG A 290 -11.97 -7.85 38.13
C ARG A 290 -12.13 -6.55 38.90
N VAL A 291 -11.91 -5.42 38.22
CA VAL A 291 -11.79 -4.14 38.89
C VAL A 291 -13.14 -3.42 39.03
N LEU A 292 -13.98 -3.54 38.01
CA LEU A 292 -15.31 -2.94 38.06
C LEU A 292 -16.35 -3.97 38.49
N GLY A 293 -16.02 -5.24 38.26
CA GLY A 293 -16.89 -6.34 38.67
C GLY A 293 -17.62 -6.97 37.51
N SER A 294 -18.21 -8.13 37.79
CA SER A 294 -18.83 -8.96 36.77
C SER A 294 -19.97 -8.20 36.08
N ASP A 295 -20.67 -7.38 36.86
CA ASP A 295 -21.79 -6.62 36.31
C ASP A 295 -21.30 -5.71 35.20
N LEU A 296 -20.06 -5.22 35.31
CA LEU A 296 -19.54 -4.28 34.34
C LEU A 296 -20.34 -2.99 34.31
N PRO A 297 -20.51 -2.37 35.47
CA PRO A 297 -21.27 -1.12 35.54
C PRO A 297 -20.70 -0.04 34.62
N PRO A 298 -21.45 1.05 34.43
CA PRO A 298 -21.03 2.05 33.47
C PRO A 298 -19.71 2.69 33.86
N LEU A 299 -18.91 3.02 32.84
CA LEU A 299 -17.63 3.71 33.06
C LEU A 299 -17.87 5.11 33.59
N THR A 300 -17.04 5.50 34.55
CA THR A 300 -17.11 6.83 35.14
C THR A 300 -15.70 7.41 35.22
N TYR A 301 -15.64 8.73 35.39
CA TYR A 301 -14.37 9.41 35.58
C TYR A 301 -13.57 8.71 36.67
N ASP A 302 -14.28 8.22 37.67
CA ASP A 302 -13.64 7.61 38.84
C ASP A 302 -13.19 6.18 38.59
N ASN A 303 -14.07 5.35 38.05
CA ASN A 303 -13.75 3.93 37.89
C ASN A 303 -12.81 3.66 36.72
N LEU A 304 -12.70 4.62 35.80
CA LEU A 304 -11.75 4.53 34.70
C LEU A 304 -10.33 4.50 35.24
N GLN A 305 -10.11 5.18 36.34
CA GLN A 305 -8.79 5.43 36.85
C GLN A 305 -8.17 4.16 37.34
N LYS A 306 -8.97 3.13 37.45
CA LYS A 306 -8.51 1.86 37.99
C LYS A 306 -7.98 0.96 36.87
N LEU A 307 -8.22 1.38 35.64
CA LEU A 307 -7.90 0.56 34.48
C LEU A 307 -6.41 0.66 34.15
N ASP A 308 -5.60 0.07 35.03
CA ASP A 308 -4.15 0.26 34.99
C ASP A 308 -3.58 -0.24 33.67
N LEU A 309 -4.08 -1.36 33.18
CA LEU A 309 -3.58 -1.96 31.95
C LEU A 309 -4.05 -1.17 30.73
N HIS A 310 -5.30 -0.71 30.78
CA HIS A 310 -5.82 0.19 29.76
C HIS A 310 -4.92 1.40 29.63
N ALA A 311 -4.59 1.98 30.78
CA ALA A 311 -3.66 3.11 30.83
C ALA A 311 -2.33 2.73 30.17
N LYS A 312 -1.86 1.52 30.45
CA LYS A 312 -0.61 1.00 29.93
C LYS A 312 -0.58 0.79 28.44
N VAL A 313 -1.68 0.29 27.92
CA VAL A 313 -1.80 0.05 26.48
C VAL A 313 -1.68 1.37 25.72
N ILE A 314 -2.28 2.41 26.27
CA ILE A 314 -2.20 3.74 25.69
C ILE A 314 -0.76 4.27 25.75
N LYS A 315 -0.15 4.14 26.92
CA LYS A 315 1.24 4.58 27.10
C LYS A 315 2.15 3.89 26.09
N GLU A 316 2.05 2.56 26.02
CA GLU A 316 2.90 1.76 25.16
C GLU A 316 2.71 2.14 23.69
N THR A 317 1.48 2.43 23.30
CA THR A 317 1.17 2.81 21.94
C THR A 317 1.73 4.19 21.63
N LEU A 318 1.53 5.13 22.56
CA LEU A 318 2.08 6.47 22.43
C LEU A 318 3.59 6.41 22.26
N ARG A 319 4.21 5.45 22.93
CA ARG A 319 5.67 5.36 22.95
C ARG A 319 6.22 5.10 21.56
N LEU A 320 5.48 4.32 20.77
CA LEU A 320 5.98 3.86 19.48
C LEU A 320 5.33 4.61 18.31
N HIS A 321 4.11 5.09 18.55
CA HIS A 321 3.31 5.57 17.43
C HIS A 321 2.86 7.02 17.50
N ALA A 322 3.32 7.76 18.50
CA ALA A 322 2.74 9.07 18.72
C ALA A 322 2.84 9.89 17.44
N PRO A 323 1.77 10.62 17.09
CA PRO A 323 1.81 11.17 15.74
C PRO A 323 2.89 12.21 15.50
N ILE A 324 3.24 13.00 16.51
CA ILE A 324 4.31 13.97 16.37
C ILE A 324 5.68 13.31 16.51
N HIS A 325 6.47 13.33 15.44
CA HIS A 325 7.80 12.74 15.48
C HIS A 325 8.90 13.79 15.61
N SER A 326 8.66 14.96 15.03
CA SER A 326 9.66 16.01 14.97
C SER A 326 9.11 17.30 15.56
N ILE A 327 9.82 17.85 16.54
CA ILE A 327 9.51 19.18 17.05
C ILE A 327 10.60 20.16 16.63
N ILE A 328 10.17 21.29 16.08
CA ILE A 328 11.09 22.18 15.38
C ILE A 328 10.98 23.62 15.88
N ARG A 329 12.12 24.27 16.00
CA ARG A 329 12.17 25.66 16.43
C ARG A 329 13.03 26.50 15.49
N ALA A 330 12.69 27.77 15.37
CA ALA A 330 13.49 28.71 14.60
C ALA A 330 14.54 29.37 15.48
N VAL A 331 15.81 29.18 15.13
CA VAL A 331 16.91 29.76 15.89
C VAL A 331 16.96 31.27 15.68
N LYS A 332 16.80 32.03 16.77
CA LYS A 332 16.74 33.48 16.68
C LYS A 332 18.07 34.12 17.07
N ASN A 333 18.82 33.47 17.95
CA ASN A 333 20.13 33.94 18.33
C ASN A 333 21.13 32.80 18.47
N PRO A 334 22.34 32.97 17.94
CA PRO A 334 23.25 31.83 17.94
C PRO A 334 23.40 31.26 19.34
N MET A 335 23.42 29.94 19.45
CA MET A 335 23.38 29.30 20.76
C MET A 335 24.57 28.38 21.01
N ALA A 336 25.03 28.41 22.26
CA ALA A 336 26.18 27.62 22.68
C ALA A 336 25.72 26.29 23.24
N VAL A 337 26.19 25.21 22.63
CA VAL A 337 26.07 23.89 23.24
C VAL A 337 26.82 23.91 24.58
N ASP A 338 26.16 23.47 25.64
CA ASP A 338 26.83 23.42 26.94
C ASP A 338 28.10 22.60 26.78
N GLY A 339 27.97 21.52 26.01
CA GLY A 339 29.00 20.49 25.92
C GLY A 339 30.22 20.81 25.08
N THR A 340 30.04 21.42 23.92
CA THR A 340 30.93 21.16 22.80
C THR A 340 31.41 22.35 21.98
N SER A 341 32.25 22.04 21.00
CA SER A 341 32.75 22.98 20.03
C SER A 341 31.61 23.58 19.19
N TYR A 342 30.71 22.72 18.75
CA TYR A 342 29.61 23.13 17.88
C TYR A 342 28.90 24.37 18.42
N VAL A 343 28.62 25.31 17.52
CA VAL A 343 27.71 26.41 17.82
C VAL A 343 26.56 26.38 16.82
N ILE A 344 25.33 26.51 17.31
CA ILE A 344 24.16 26.52 16.44
C ILE A 344 23.73 27.93 16.08
N PRO A 345 23.65 28.21 14.76
CA PRO A 345 23.49 29.54 14.19
C PRO A 345 22.08 29.83 13.66
N THR A 346 21.86 31.08 13.30
CA THR A 346 20.53 31.62 13.09
C THR A 346 19.89 31.14 11.78
N SER A 347 20.73 30.71 10.84
CA SER A 347 20.25 30.29 9.53
C SER A 347 19.63 28.90 9.64
N HIS A 348 19.40 28.47 10.87
CA HIS A 348 19.19 27.06 11.16
C HIS A 348 17.86 26.83 11.87
N ASN A 349 17.32 25.65 11.68
CA ASN A 349 16.21 25.19 12.47
C ASN A 349 16.82 24.21 13.43
N VAL A 350 16.15 24.03 14.56
CA VAL A 350 16.53 23.04 15.56
C VAL A 350 15.37 22.06 15.64
N LEU A 351 15.71 20.77 15.66
CA LEU A 351 14.70 19.72 15.62
C LEU A 351 14.98 18.70 16.72
N SER A 352 14.00 18.49 17.59
CA SER A 352 14.12 17.47 18.63
C SER A 352 13.11 16.35 18.40
N SER A 353 13.49 15.14 18.76
CA SER A 353 12.68 13.95 18.51
C SER A 353 12.67 13.05 19.74
N PRO A 354 11.80 13.36 20.72
CA PRO A 354 11.67 12.55 21.93
C PRO A 354 11.32 11.09 21.62
N GLY A 355 10.74 10.87 20.45
CA GLY A 355 10.38 9.52 20.01
C GLY A 355 11.62 8.65 19.90
N VAL A 356 12.72 9.28 19.53
CA VAL A 356 13.97 8.58 19.37
C VAL A 356 14.47 8.01 20.67
N THR A 357 14.44 8.84 21.69
CA THR A 357 14.84 8.43 23.01
C THR A 357 13.85 7.36 23.41
N ALA A 358 12.62 7.59 22.99
CA ALA A 358 11.49 6.73 23.26
C ALA A 358 11.77 5.31 22.78
N ARG A 359 12.49 5.21 21.66
CA ARG A 359 12.76 3.90 21.09
C ARG A 359 14.24 3.51 21.13
N SER A 360 14.93 3.97 22.17
CA SER A 360 16.34 3.64 22.41
C SER A 360 16.54 2.51 23.41
N GLU A 361 17.42 1.59 23.08
CA GLU A 361 17.70 0.42 23.91
C GLU A 361 18.08 0.80 25.33
N GLU A 362 18.98 1.78 25.46
CA GLU A 362 19.43 2.25 26.77
C GLU A 362 18.21 2.63 27.61
N HIS A 363 17.29 3.35 26.99
CA HIS A 363 16.09 3.83 27.67
C HIS A 363 14.99 2.78 27.70
N PHE A 364 14.90 1.99 26.62
CA PHE A 364 13.90 0.93 26.56
C PHE A 364 14.45 -0.33 25.90
N PRO A 365 14.79 -1.34 26.72
CA PRO A 365 15.26 -2.60 26.19
C PRO A 365 14.27 -3.17 25.19
N ASN A 366 14.80 -3.72 24.10
CA ASN A 366 13.96 -4.23 23.02
C ASN A 366 12.89 -3.20 22.66
N PRO A 367 13.32 -2.01 22.21
CA PRO A 367 12.37 -0.90 22.20
C PRO A 367 11.21 -1.13 21.23
N LEU A 368 11.50 -1.77 20.11
CA LEU A 368 10.54 -1.86 19.02
C LEU A 368 9.37 -2.77 19.38
N GLU A 369 9.60 -3.65 20.36
CA GLU A 369 8.54 -4.51 20.87
C GLU A 369 7.41 -3.66 21.45
N TRP A 370 6.19 -3.92 21.00
CA TRP A 370 5.01 -3.32 21.61
C TRP A 370 4.53 -4.20 22.77
N ASN A 371 4.97 -3.85 23.97
CA ASN A 371 4.60 -4.60 25.17
C ASN A 371 4.11 -3.67 26.27
N PRO A 372 2.81 -3.74 26.59
CA PRO A 372 2.31 -2.82 27.61
C PRO A 372 2.87 -3.15 28.99
N HIS A 373 3.21 -4.41 29.21
CA HIS A 373 3.58 -4.89 30.53
C HIS A 373 4.92 -4.34 31.01
N ARG A 374 5.71 -3.84 30.07
CA ARG A 374 7.00 -3.25 30.40
C ARG A 374 6.83 -2.09 31.37
N TRP A 375 5.59 -1.59 31.44
CA TRP A 375 5.31 -0.40 32.24
C TRP A 375 5.01 -0.78 33.68
N ASP A 376 5.15 -2.06 33.97
CA ASP A 376 4.81 -2.56 35.28
C ASP A 376 5.80 -1.93 36.25
N GLU A 377 6.74 -1.18 35.69
CA GLU A 377 7.66 -0.38 36.48
C GLU A 377 6.98 0.87 37.04
N ASN A 378 6.07 1.45 36.28
CA ASN A 378 5.34 2.64 36.72
C ASN A 378 4.21 3.04 35.78
N ILE A 379 3.20 3.76 36.28
CA ILE A 379 2.22 4.41 35.40
C ILE A 379 1.93 5.86 35.80
N ALA A 380 2.03 6.81 34.86
CA ALA A 380 1.55 8.16 35.12
C ALA A 380 0.74 8.77 33.95
N ALA A 381 -0.55 8.99 34.16
CA ALA A 381 -1.30 9.79 33.22
C ALA A 381 -0.67 11.17 33.31
N SER A 382 -0.29 11.52 34.54
CA SER A 382 0.46 12.73 34.86
C SER A 382 1.81 12.36 35.50
N ALA A 383 2.91 12.93 34.99
CA ALA A 383 4.26 12.46 35.34
C ALA A 383 5.29 13.40 35.99
N GLU A 384 5.94 12.90 37.03
CA GLU A 384 7.35 12.54 37.14
C GLU A 384 8.25 13.55 37.83
N ASP A 385 9.55 13.25 37.79
CA ASP A 385 10.52 13.73 38.77
C ASP A 385 10.79 15.24 38.66
N ASP A 386 10.76 15.79 37.46
CA ASP A 386 11.44 17.05 37.19
C ASP A 386 10.76 18.27 37.80
N GLU A 387 11.36 19.43 37.56
CA GLU A 387 10.92 20.72 38.10
C GLU A 387 9.73 21.16 37.33
N LYS A 388 8.90 22.02 37.89
CA LYS A 388 7.73 22.54 37.23
C LYS A 388 7.89 24.05 37.16
N VAL A 389 7.81 24.58 35.97
CA VAL A 389 7.97 25.98 35.76
C VAL A 389 6.65 26.46 35.23
N ASP A 390 6.09 27.53 35.79
CA ASP A 390 4.83 28.09 35.27
C ASP A 390 5.06 29.27 34.35
N TYR A 391 4.52 29.19 33.15
CA TYR A 391 4.73 30.21 32.15
C TYR A 391 3.58 31.11 31.81
N GLY A 392 2.43 30.92 32.42
CA GLY A 392 1.26 31.47 31.83
C GLY A 392 0.12 30.69 32.34
N TYR A 393 0.20 29.44 31.99
CA TYR A 393 -0.80 28.51 32.26
C TYR A 393 -0.04 27.69 33.21
N GLY A 394 -0.66 27.34 34.35
CA GLY A 394 -0.47 26.22 35.24
C GLY A 394 0.93 26.01 35.83
N LEU A 395 1.49 24.82 35.74
CA LEU A 395 2.84 24.59 36.16
C LEU A 395 3.18 23.36 35.47
N VAL A 396 4.01 23.52 34.48
CA VAL A 396 4.32 22.52 33.48
C VAL A 396 5.70 22.01 33.86
N SER A 397 5.80 20.70 33.88
CA SER A 397 7.06 20.08 34.07
C SER A 397 7.59 20.00 32.65
N LYS A 398 8.60 20.82 32.39
CA LYS A 398 9.53 20.86 31.31
C LYS A 398 10.42 19.78 31.56
N GLY A 399 10.18 19.16 32.66
CA GLY A 399 11.13 18.13 33.06
C GLY A 399 11.66 17.41 31.83
N THR A 400 12.99 17.38 31.72
CA THR A 400 13.61 16.62 30.65
C THR A 400 14.83 15.85 31.15
N ASN A 401 14.57 14.93 32.08
CA ASN A 401 15.45 13.77 32.23
C ASN A 401 14.67 12.54 31.77
N SER A 402 13.47 12.80 31.27
CA SER A 402 12.61 11.74 30.76
C SER A 402 12.84 11.53 29.27
N PRO A 403 13.17 10.28 28.89
CA PRO A 403 13.26 9.86 27.50
C PRO A 403 11.88 9.79 26.85
N TYR A 404 10.85 9.78 27.69
CA TYR A 404 9.48 9.56 27.22
C TYR A 404 8.66 10.84 27.34
N LEU A 405 8.53 11.57 26.24
CA LEU A 405 7.77 12.82 26.23
C LEU A 405 6.82 12.89 25.03
N PRO A 406 5.83 12.01 24.98
CA PRO A 406 4.86 12.01 23.89
C PRO A 406 4.15 13.36 23.77
N PHE A 407 4.07 14.07 24.88
CA PHE A 407 3.27 15.29 24.94
C PHE A 407 4.16 16.54 25.03
N GLY A 408 5.46 16.33 24.84
CA GLY A 408 6.42 17.43 24.86
C GLY A 408 6.76 17.89 26.25
N ALA A 409 7.39 19.06 26.33
CA ALA A 409 7.82 19.62 27.61
C ALA A 409 8.10 21.11 27.43
N GLY A 410 8.31 21.81 28.54
CA GLY A 410 8.57 23.25 28.50
C GLY A 410 7.30 24.02 28.22
N ARG A 411 7.43 25.21 27.64
CA ARG A 411 6.31 26.13 27.51
C ARG A 411 5.33 25.71 26.42
N HIS A 412 5.75 24.81 25.55
CA HIS A 412 4.91 24.37 24.44
C HIS A 412 4.25 23.03 24.70
N ARG A 413 4.35 22.55 25.94
CA ARG A 413 3.89 21.21 26.26
C ARG A 413 2.38 21.13 26.12
N CYS A 414 1.88 19.92 25.83
CA CYS A 414 0.48 19.72 25.52
C CYS A 414 -0.41 20.10 26.69
N ILE A 415 -1.49 20.83 26.41
CA ILE A 415 -2.55 21.02 27.39
C ILE A 415 -3.73 20.10 27.11
N GLY A 416 -3.59 19.23 26.12
CA GLY A 416 -4.66 18.33 25.72
C GLY A 416 -4.45 16.91 26.22
N GLU A 417 -3.44 16.72 27.06
CA GLU A 417 -3.00 15.39 27.43
C GLU A 417 -4.08 14.63 28.20
N GLN A 418 -4.58 15.25 29.26
CA GLN A 418 -5.60 14.62 30.09
C GLN A 418 -6.85 14.27 29.28
N PHE A 419 -7.29 15.21 28.45
CA PHE A 419 -8.44 14.98 27.59
C PHE A 419 -8.18 13.80 26.67
N ALA A 420 -6.97 13.75 26.12
CA ALA A 420 -6.59 12.70 25.18
C ALA A 420 -6.62 11.34 25.87
N TYR A 421 -6.09 11.29 27.09
CA TYR A 421 -6.10 10.07 27.87
C TYR A 421 -7.54 9.66 28.19
N LEU A 422 -8.34 10.64 28.64
CA LEU A 422 -9.74 10.40 28.91
C LEU A 422 -10.38 9.74 27.70
N GLN A 423 -10.24 10.41 26.56
CA GLN A 423 -10.93 10.00 25.34
C GLN A 423 -10.49 8.62 24.89
N LEU A 424 -9.18 8.44 24.78
CA LEU A 424 -8.62 7.17 24.31
C LEU A 424 -8.97 6.05 25.26
N GLY A 425 -8.70 6.26 26.55
CA GLY A 425 -9.02 5.28 27.57
C GLY A 425 -10.48 4.87 27.52
N THR A 426 -11.35 5.86 27.35
CA THR A 426 -12.78 5.61 27.35
C THR A 426 -13.18 4.82 26.11
N ILE A 427 -12.78 5.31 24.95
CA ILE A 427 -13.04 4.63 23.68
C ILE A 427 -12.52 3.20 23.74
N THR A 428 -11.34 3.03 24.33
CA THR A 428 -10.68 1.72 24.37
C THR A 428 -11.46 0.75 25.26
N ALA A 429 -11.88 1.25 26.42
CA ALA A 429 -12.62 0.44 27.38
C ALA A 429 -13.93 -0.06 26.79
N VAL A 430 -14.64 0.83 26.09
CA VAL A 430 -15.92 0.48 25.49
C VAL A 430 -15.73 -0.60 24.44
N LEU A 431 -14.85 -0.33 23.49
CA LEU A 431 -14.53 -1.29 22.43
C LEU A 431 -14.17 -2.65 23.02
N VAL A 432 -13.44 -2.63 24.12
CA VAL A 432 -12.97 -3.87 24.75
C VAL A 432 -14.14 -4.64 25.35
N ARG A 433 -15.13 -3.91 25.83
CA ARG A 433 -16.37 -4.52 26.32
C ARG A 433 -17.10 -5.19 25.18
N LEU A 434 -17.16 -4.49 24.04
CA LEU A 434 -18.05 -4.87 22.96
C LEU A 434 -17.45 -5.91 22.02
N PHE A 435 -16.12 -5.92 21.90
CA PHE A 435 -15.48 -6.59 20.79
C PHE A 435 -14.32 -7.53 21.12
N ARG A 436 -14.03 -8.40 20.17
CA ARG A 436 -12.68 -8.92 19.96
C ARG A 436 -12.18 -8.51 18.58
N PHE A 437 -10.87 -8.34 18.46
CA PHE A 437 -10.26 -8.03 17.17
C PHE A 437 -9.21 -9.07 16.78
N ARG A 438 -9.19 -9.42 15.49
CA ARG A 438 -8.14 -10.26 14.94
C ARG A 438 -7.64 -9.65 13.64
N ASN A 439 -6.43 -10.04 13.23
CA ASN A 439 -5.95 -9.72 11.89
C ASN A 439 -6.70 -10.53 10.85
N LEU A 440 -6.77 -10.00 9.63
CA LEU A 440 -7.28 -10.77 8.50
C LEU A 440 -6.40 -12.00 8.29
N PRO A 441 -7.01 -13.11 7.84
CA PRO A 441 -6.21 -14.32 7.71
C PRO A 441 -4.93 -14.10 6.91
N GLY A 442 -3.84 -14.67 7.41
CA GLY A 442 -2.55 -14.59 6.74
C GLY A 442 -1.84 -13.28 6.98
N VAL A 443 -2.49 -12.36 7.69
CA VAL A 443 -1.89 -11.07 7.99
C VAL A 443 -1.22 -11.06 9.35
N ASP A 444 0.07 -10.75 9.34
CA ASP A 444 0.88 -10.72 10.56
C ASP A 444 1.43 -9.31 10.79
N GLY A 445 1.53 -8.92 12.04
CA GLY A 445 2.09 -7.62 12.39
C GLY A 445 1.14 -6.49 12.05
N ILE A 446 1.71 -5.32 11.81
CA ILE A 446 0.93 -4.09 11.65
C ILE A 446 1.34 -3.40 10.35
N PRO A 447 0.43 -2.61 9.76
CA PRO A 447 0.89 -1.85 8.60
C PRO A 447 2.05 -0.94 8.98
N ASP A 448 2.62 -0.30 7.98
CA ASP A 448 3.64 0.71 8.15
C ASP A 448 3.09 2.07 8.50
N THR A 449 3.98 2.96 8.90
CA THR A 449 3.62 4.30 9.30
C THR A 449 3.88 5.25 8.14
N ASP A 450 2.91 6.11 7.89
CA ASP A 450 2.93 7.12 6.87
C ASP A 450 3.29 8.45 7.53
N TYR A 451 4.48 8.93 7.24
CA TYR A 451 5.06 10.17 7.77
C TYR A 451 4.99 11.30 6.75
N SER A 452 4.30 11.06 5.65
CA SER A 452 4.25 12.03 4.56
C SER A 452 3.53 13.30 4.99
N SER A 453 2.51 13.13 5.82
CA SER A 453 1.71 14.27 6.31
C SER A 453 2.26 14.78 7.64
N LEU A 454 1.84 15.98 8.01
CA LEU A 454 2.28 16.62 9.25
C LEU A 454 2.15 15.66 10.43
N PHE A 455 0.98 15.09 10.62
CA PHE A 455 0.80 14.02 11.56
C PHE A 455 1.13 12.74 10.84
N SER A 456 1.48 11.69 11.58
CA SER A 456 1.75 10.39 11.03
C SER A 456 0.62 9.46 11.42
N LYS A 457 0.38 8.43 10.62
CA LYS A 457 -0.79 7.60 10.77
C LYS A 457 -0.52 6.26 10.16
N PRO A 458 -1.33 5.26 10.39
CA PRO A 458 -1.08 4.04 9.63
C PRO A 458 -1.19 4.27 8.13
N LEU A 459 -0.38 3.53 7.38
CA LEU A 459 -0.16 3.84 5.98
C LEU A 459 -1.32 3.64 5.01
N GLY A 460 -1.89 2.44 5.00
CA GLY A 460 -2.76 2.06 3.90
C GLY A 460 -4.21 2.21 4.29
N ARG A 461 -5.02 1.31 3.75
CA ARG A 461 -6.30 1.03 4.38
C ARG A 461 -6.14 -0.34 5.01
N SER A 462 -6.25 -0.38 6.33
CA SER A 462 -6.14 -1.62 7.08
C SER A 462 -7.52 -2.02 7.58
N PHE A 463 -7.93 -3.23 7.22
CA PHE A 463 -9.10 -3.85 7.82
C PHE A 463 -8.65 -4.83 8.90
N VAL A 464 -9.46 -4.95 9.94
CA VAL A 464 -9.29 -6.05 10.90
C VAL A 464 -10.64 -6.68 11.23
N GLU A 465 -10.57 -7.93 11.66
CA GLU A 465 -11.76 -8.66 12.11
C GLU A 465 -12.30 -8.06 13.40
N PHE A 466 -13.62 -8.03 13.52
CA PHE A 466 -14.26 -7.78 14.80
C PHE A 466 -15.23 -8.91 15.12
N GLU A 467 -15.12 -9.43 16.34
CA GLU A 467 -16.15 -10.33 16.87
C GLU A 467 -16.79 -9.74 18.12
N LYS A 468 -18.12 -9.73 18.12
CA LYS A 468 -18.88 -9.25 19.28
C LYS A 468 -18.93 -10.36 20.33
N ARG A 469 -19.49 -10.06 21.48
CA ARG A 469 -19.24 -10.88 22.66
C ARG A 469 -20.45 -11.65 23.17
N HIS A 470 -21.64 -11.11 22.95
CA HIS A 470 -22.87 -11.74 23.44
C HIS A 470 -23.85 -12.01 22.30
N LYS B 1 17.52 14.50 -30.31
CA LYS B 1 18.61 13.65 -30.85
C LYS B 1 18.02 12.36 -31.43
N THR B 2 18.11 12.22 -32.75
CA THR B 2 17.54 11.06 -33.42
C THR B 2 16.05 11.01 -33.11
N PRO B 3 15.58 9.91 -32.48
CA PRO B 3 14.24 10.03 -31.91
C PRO B 3 14.27 10.87 -30.64
N PRO B 4 13.36 11.85 -30.53
CA PRO B 4 13.48 12.74 -29.38
C PRO B 4 13.68 11.99 -28.07
N VAL B 5 14.39 12.62 -27.15
CA VAL B 5 14.77 11.99 -25.89
C VAL B 5 13.91 12.53 -24.76
N VAL B 6 13.55 11.68 -23.81
CA VAL B 6 12.66 12.08 -22.73
C VAL B 6 13.42 12.82 -21.63
N PHE B 7 13.00 14.05 -21.37
CA PHE B 7 13.66 14.90 -20.41
C PHE B 7 13.57 14.29 -19.01
N HIS B 8 14.63 14.50 -18.23
CA HIS B 8 14.70 13.97 -16.88
C HIS B 8 15.55 14.92 -16.04
N TRP B 9 15.69 14.60 -14.76
CA TRP B 9 16.48 15.45 -13.86
C TRP B 9 17.82 14.83 -13.52
N PHE B 10 18.07 13.60 -14.00
CA PHE B 10 19.31 12.93 -13.68
C PHE B 10 19.93 12.08 -14.80
N PRO B 11 21.26 11.89 -14.75
CA PRO B 11 21.77 10.92 -15.71
C PRO B 11 21.64 9.47 -15.22
N PHE B 12 21.54 8.56 -16.18
CA PHE B 12 21.49 7.13 -15.87
C PHE B 12 20.14 6.71 -15.31
N ILE B 13 19.76 7.29 -14.18
CA ILE B 13 18.47 6.98 -13.59
C ILE B 13 17.41 7.30 -14.64
N GLY B 14 17.69 8.36 -15.41
CA GLY B 14 16.80 8.75 -16.50
C GLY B 14 15.36 8.79 -16.03
N SER B 15 14.49 8.13 -16.77
CA SER B 15 13.06 8.17 -16.48
C SER B 15 12.60 6.89 -15.77
N THR B 16 13.56 6.11 -15.29
CA THR B 16 13.28 4.73 -14.93
C THR B 16 12.21 4.65 -13.89
N ILE B 17 12.22 5.53 -12.92
CA ILE B 17 11.26 5.48 -11.81
C ILE B 17 9.88 5.95 -12.22
N SER B 18 9.82 6.87 -13.19
CA SER B 18 8.57 7.25 -13.81
C SER B 18 7.97 6.05 -14.54
N TYR B 19 8.83 5.33 -15.24
CA TYR B 19 8.47 4.11 -15.92
C TYR B 19 8.03 2.99 -15.00
N GLY B 20 8.72 2.83 -13.90
CA GLY B 20 8.45 1.77 -12.94
C GLY B 20 7.12 1.95 -12.22
N ILE B 21 6.79 3.20 -11.93
CA ILE B 21 5.55 3.51 -11.25
C ILE B 21 4.37 3.08 -12.11
N ASP B 22 4.41 3.50 -13.37
CA ASP B 22 3.39 3.07 -14.31
C ASP B 22 3.99 3.26 -15.69
N PRO B 23 4.02 2.18 -16.48
CA PRO B 23 4.59 2.32 -17.82
C PRO B 23 3.59 2.90 -18.80
N TYR B 24 2.31 2.73 -18.50
CA TYR B 24 1.25 3.13 -19.43
C TYR B 24 0.96 4.62 -19.36
N LYS B 25 0.87 5.16 -18.15
CA LYS B 25 0.76 6.61 -17.97
C LYS B 25 2.02 7.29 -18.45
N PHE B 26 3.15 6.63 -18.24
CA PHE B 26 4.44 7.15 -18.68
C PHE B 26 4.52 7.20 -20.19
N PHE B 27 4.02 6.16 -20.85
CA PHE B 27 4.04 6.09 -22.30
C PHE B 27 3.08 7.10 -22.91
N PHE B 28 1.99 7.38 -22.21
CA PHE B 28 0.98 8.31 -22.71
C PHE B 28 1.44 9.75 -22.58
N ASP B 29 2.04 10.08 -21.44
CA ASP B 29 2.59 11.42 -21.23
C ASP B 29 3.70 11.72 -22.22
N CYS B 30 4.60 10.75 -22.41
CA CYS B 30 5.70 10.91 -23.37
C CYS B 30 5.16 10.98 -24.79
N ARG B 31 4.18 10.15 -25.09
CA ARG B 31 3.63 10.05 -26.44
C ARG B 31 3.08 11.38 -26.92
N ALA B 32 2.21 11.98 -26.11
CA ALA B 32 1.57 13.24 -26.49
C ALA B 32 2.63 14.31 -26.73
N LYS B 33 3.60 14.37 -25.81
CA LYS B 33 4.65 15.38 -25.89
C LYS B 33 5.65 15.11 -27.03
N TYR B 34 5.90 13.84 -27.32
CA TYR B 34 6.93 13.49 -28.29
C TYR B 34 6.40 12.70 -29.49
N GLY B 35 5.08 12.49 -29.55
CA GLY B 35 4.51 11.63 -30.57
C GLY B 35 4.68 10.16 -30.25
N ASP B 36 4.81 9.34 -31.28
CA ASP B 36 4.67 7.89 -31.12
C ASP B 36 5.99 7.15 -31.05
N ILE B 37 7.10 7.89 -31.17
CA ILE B 37 8.42 7.29 -31.04
C ILE B 37 9.42 8.20 -30.35
N PHE B 38 9.91 7.75 -29.20
CA PHE B 38 10.86 8.51 -28.39
C PHE B 38 11.88 7.55 -27.79
N THR B 39 12.88 8.11 -27.12
CA THR B 39 13.91 7.33 -26.46
C THR B 39 13.89 7.60 -24.97
N PHE B 40 13.55 6.68 -24.12
CA PHE B 40 13.51 7.16 -22.76
C PHE B 40 14.67 6.39 -22.30
N ILE B 41 15.23 6.71 -21.14
CA ILE B 41 16.44 6.07 -20.65
C ILE B 41 16.06 5.19 -19.52
N LEU B 42 16.46 3.94 -19.57
CA LEU B 42 16.05 2.99 -18.58
C LEU B 42 17.39 2.43 -18.30
N LEU B 43 18.03 3.27 -17.49
CA LEU B 43 19.05 2.93 -16.53
C LEU B 43 20.39 2.92 -17.15
N GLY B 44 20.46 3.53 -18.31
CA GLY B 44 21.70 3.68 -19.02
C GLY B 44 21.71 3.03 -20.38
N LYS B 45 20.58 2.47 -20.80
CA LYS B 45 20.45 1.89 -22.14
C LYS B 45 19.34 2.63 -22.82
N LYS B 46 19.40 2.91 -24.13
CA LYS B 46 18.42 3.82 -24.48
C LYS B 46 17.42 2.84 -24.88
N THR B 47 16.21 3.19 -24.59
CA THR B 47 15.15 2.40 -25.03
C THR B 47 14.42 3.39 -25.83
N THR B 48 14.41 3.11 -27.10
CA THR B 48 13.46 3.77 -27.99
C THR B 48 12.13 3.01 -28.03
N VAL B 49 11.07 3.73 -27.67
CA VAL B 49 9.72 3.19 -27.72
C VAL B 49 9.05 3.67 -29.00
N TYR B 50 8.61 2.72 -29.82
CA TYR B 50 7.74 3.05 -30.93
C TYR B 50 6.33 2.54 -30.68
N LEU B 51 5.39 3.47 -30.54
CA LEU B 51 4.01 3.12 -30.19
C LEU B 51 3.16 2.99 -31.44
N GLY B 52 1.89 2.67 -31.23
CA GLY B 52 0.98 2.40 -32.34
C GLY B 52 1.28 1.07 -32.99
N THR B 53 0.28 0.52 -33.69
CA THR B 53 0.48 -0.69 -34.48
C THR B 53 1.75 -0.58 -35.31
N LYS B 54 1.99 0.62 -35.84
CA LYS B 54 3.23 0.91 -36.56
C LYS B 54 4.42 0.53 -35.69
N GLY B 55 4.36 0.92 -34.42
CA GLY B 55 5.42 0.65 -33.46
C GLY B 55 5.55 -0.83 -33.18
N ASN B 56 4.44 -1.46 -32.83
CA ASN B 56 4.46 -2.89 -32.48
C ASN B 56 5.04 -3.73 -33.61
N ASP B 57 4.47 -3.58 -34.80
CA ASP B 57 4.86 -4.39 -35.94
C ASP B 57 6.34 -4.24 -36.23
N PHE B 58 6.81 -2.99 -36.25
CA PHE B 58 8.20 -2.69 -36.54
C PHE B 58 9.13 -3.47 -35.62
N ILE B 59 8.86 -3.37 -34.32
CA ILE B 59 9.68 -4.05 -33.31
C ILE B 59 9.36 -5.54 -33.27
N LEU B 60 8.08 -5.88 -33.39
CA LEU B 60 7.64 -7.27 -33.27
C LEU B 60 8.10 -8.12 -34.44
N ASN B 61 8.01 -7.56 -35.65
CA ASN B 61 8.32 -8.31 -36.86
C ASN B 61 9.70 -7.95 -37.40
N GLY B 62 10.47 -7.23 -36.58
CA GLY B 62 11.83 -6.85 -36.94
C GLY B 62 12.65 -8.09 -37.26
N LYS B 63 13.50 -7.99 -38.27
CA LYS B 63 14.24 -9.14 -38.77
C LYS B 63 15.33 -9.59 -37.79
N LEU B 64 15.83 -10.79 -38.03
CA LEU B 64 16.76 -11.44 -37.12
C LEU B 64 18.11 -10.70 -37.08
N ARG B 65 18.46 -10.05 -38.18
CA ARG B 65 19.71 -9.30 -38.25
C ARG B 65 19.72 -8.18 -37.22
N ASP B 66 18.62 -7.45 -37.14
CA ASP B 66 18.59 -6.15 -36.49
C ASP B 66 18.30 -6.25 -35.00
N VAL B 67 17.37 -7.14 -34.63
CA VAL B 67 16.81 -7.14 -33.28
C VAL B 67 17.10 -8.46 -32.56
N CYS B 68 17.49 -8.37 -31.29
CA CYS B 68 17.88 -9.54 -30.52
C CYS B 68 17.19 -9.60 -29.16
N ALA B 69 16.24 -10.52 -29.04
CA ALA B 69 15.55 -10.76 -27.77
C ALA B 69 16.50 -11.39 -26.76
N GLU B 70 17.17 -12.45 -27.20
CA GLU B 70 18.04 -13.24 -26.32
C GLU B 70 18.98 -12.33 -25.54
N GLU B 71 19.62 -11.41 -26.24
CA GLU B 71 20.64 -10.55 -25.64
C GLU B 71 20.04 -9.73 -24.49
N VAL B 72 18.76 -9.41 -24.60
CA VAL B 72 18.12 -8.52 -23.63
C VAL B 72 17.73 -9.28 -22.37
N TYR B 73 17.06 -10.42 -22.55
CA TYR B 73 16.54 -11.20 -21.45
C TYR B 73 17.51 -12.23 -20.89
N SER B 74 18.33 -12.80 -21.77
CA SER B 74 19.08 -13.99 -21.43
C SER B 74 19.65 -13.94 -20.02
N PRO B 75 20.43 -12.89 -19.70
CA PRO B 75 21.02 -12.88 -18.38
C PRO B 75 20.01 -13.17 -17.28
N LEU B 76 18.89 -12.46 -17.31
CA LEU B 76 17.86 -12.58 -16.28
C LEU B 76 17.24 -13.97 -16.24
N THR B 77 16.79 -14.46 -17.38
CA THR B 77 16.03 -15.71 -17.44
C THR B 77 16.95 -16.91 -17.20
N THR B 78 18.14 -16.83 -17.75
CA THR B 78 18.96 -17.99 -17.92
C THR B 78 19.32 -18.62 -16.61
N PRO B 79 19.62 -17.85 -15.59
CA PRO B 79 19.91 -18.46 -14.30
C PRO B 79 18.71 -19.18 -13.69
N VAL B 80 17.52 -18.68 -14.00
CA VAL B 80 16.30 -19.26 -13.46
C VAL B 80 15.93 -20.58 -14.14
N PHE B 81 15.78 -20.53 -15.46
CA PHE B 81 15.28 -21.67 -16.22
C PHE B 81 16.33 -22.77 -16.35
N GLY B 82 17.58 -22.36 -16.57
CA GLY B 82 18.67 -23.30 -16.79
C GLY B 82 19.29 -23.17 -18.16
N ARG B 83 20.30 -24.00 -18.42
CA ARG B 83 21.14 -23.85 -19.61
C ARG B 83 20.51 -24.46 -20.86
N HIS B 84 20.81 -23.86 -22.00
CA HIS B 84 20.51 -24.40 -23.32
C HIS B 84 19.03 -24.52 -23.66
N VAL B 85 18.22 -23.62 -23.11
CA VAL B 85 16.84 -23.54 -23.54
C VAL B 85 16.47 -22.08 -23.56
N VAL B 86 15.41 -21.77 -24.30
CA VAL B 86 14.90 -20.42 -24.33
C VAL B 86 15.96 -19.44 -24.83
N TYR B 87 16.41 -18.54 -23.99
CA TYR B 87 17.26 -17.47 -24.47
C TYR B 87 18.73 -17.72 -24.21
N ASP B 88 19.04 -18.95 -23.83
CA ASP B 88 20.44 -19.33 -23.65
C ASP B 88 20.92 -20.07 -24.88
N CYS B 89 20.19 -19.91 -25.98
CA CYS B 89 20.60 -20.57 -27.21
C CYS B 89 20.34 -19.68 -28.42
N PRO B 90 21.03 -19.99 -29.53
CA PRO B 90 20.65 -19.17 -30.67
C PRO B 90 19.21 -19.44 -31.05
N ASN B 91 18.67 -18.48 -31.79
CA ASN B 91 17.24 -18.34 -31.95
C ASN B 91 16.61 -19.55 -32.62
N ALA B 92 17.34 -20.11 -33.58
CA ALA B 92 16.81 -21.23 -34.35
C ALA B 92 16.50 -22.37 -33.40
N LYS B 93 17.34 -22.53 -32.38
CA LYS B 93 17.10 -23.56 -31.38
C LYS B 93 15.84 -23.29 -30.57
N LEU B 94 15.60 -22.01 -30.29
CA LEU B 94 14.41 -21.63 -29.54
C LEU B 94 13.15 -22.01 -30.28
N MET B 95 13.18 -21.87 -31.60
CA MET B 95 12.01 -22.19 -32.41
C MET B 95 11.67 -23.66 -32.31
N GLU B 96 12.70 -24.51 -32.33
CA GLU B 96 12.44 -25.94 -32.20
C GLU B 96 11.85 -26.27 -30.84
N GLN B 97 12.35 -25.60 -29.80
CA GLN B 97 11.84 -25.86 -28.45
C GLN B 97 10.38 -25.44 -28.36
N LYS B 98 10.07 -24.28 -28.93
CA LYS B 98 8.70 -23.83 -29.05
C LYS B 98 7.87 -24.86 -29.83
N LYS B 99 8.48 -25.43 -30.85
CA LYS B 99 7.82 -26.45 -31.66
C LYS B 99 7.49 -27.67 -30.80
N PHE B 100 8.47 -28.12 -30.02
CA PHE B 100 8.25 -29.22 -29.08
C PHE B 100 7.06 -28.91 -28.18
N VAL B 101 7.13 -27.78 -27.49
CA VAL B 101 6.13 -27.44 -26.49
C VAL B 101 4.75 -27.33 -27.13
N LYS B 102 4.67 -26.66 -28.27
CA LYS B 102 3.42 -26.60 -29.03
C LYS B 102 2.97 -28.02 -29.35
N TYR B 103 3.91 -28.91 -29.57
CA TYR B 103 3.59 -30.30 -29.81
C TYR B 103 2.89 -30.81 -28.60
N GLY B 104 3.38 -30.39 -27.46
CA GLY B 104 2.79 -30.81 -26.19
C GLY B 104 1.34 -30.41 -26.07
N LEU B 105 0.99 -29.26 -26.61
CA LEU B 105 -0.34 -28.68 -26.40
C LEU B 105 -1.26 -28.97 -27.59
N THR B 106 -1.62 -30.24 -27.72
CA THR B 106 -2.60 -30.64 -28.72
C THR B 106 -4.00 -30.64 -28.11
N SER B 107 -5.00 -30.60 -28.97
CA SER B 107 -6.38 -30.58 -28.51
C SER B 107 -6.65 -31.79 -27.61
N ASP B 108 -6.08 -32.93 -27.97
CA ASP B 108 -6.22 -34.13 -27.17
C ASP B 108 -5.63 -33.90 -25.78
N ALA B 109 -4.51 -33.21 -25.73
CA ALA B 109 -3.88 -32.86 -24.46
C ALA B 109 -4.70 -31.90 -23.62
N LEU B 110 -5.20 -30.85 -24.25
CA LEU B 110 -6.00 -29.87 -23.55
C LEU B 110 -7.27 -30.48 -23.03
N ARG B 111 -7.86 -31.33 -23.82
CA ARG B 111 -9.09 -32.00 -23.46
C ARG B 111 -8.79 -32.82 -22.23
N SER B 112 -7.59 -33.35 -22.21
CA SER B 112 -7.08 -34.19 -21.16
C SER B 112 -7.09 -33.44 -19.84
N TYR B 113 -6.79 -32.16 -19.91
CA TYR B 113 -6.42 -31.31 -18.79
C TYR B 113 -7.63 -30.86 -17.98
N VAL B 114 -8.76 -30.67 -18.66
CA VAL B 114 -9.91 -30.01 -18.06
C VAL B 114 -10.38 -30.76 -16.80
N PRO B 115 -10.47 -32.09 -16.87
CA PRO B 115 -10.97 -32.81 -15.71
C PRO B 115 -10.04 -32.68 -14.51
N LEU B 116 -8.74 -32.65 -14.77
CA LEU B 116 -7.74 -32.55 -13.73
C LEU B 116 -7.78 -31.18 -13.07
N ILE B 117 -7.95 -30.15 -13.89
CA ILE B 117 -7.99 -28.78 -13.40
C ILE B 117 -9.19 -28.52 -12.50
N THR B 118 -10.36 -28.95 -12.94
CA THR B 118 -11.58 -28.78 -12.15
C THR B 118 -11.44 -29.48 -10.82
N ASP B 119 -10.87 -30.69 -10.85
CA ASP B 119 -10.71 -31.51 -9.66
C ASP B 119 -9.82 -30.79 -8.66
N GLU B 120 -8.73 -30.22 -9.16
CA GLU B 120 -7.80 -29.48 -8.31
C GLU B 120 -8.49 -28.30 -7.65
N VAL B 121 -9.25 -27.55 -8.44
CA VAL B 121 -9.95 -26.38 -7.92
C VAL B 121 -10.94 -26.79 -6.84
N GLU B 122 -11.70 -27.85 -7.12
CA GLU B 122 -12.72 -28.33 -6.19
C GLU B 122 -12.10 -28.80 -4.89
N SER B 123 -11.05 -29.62 -4.99
CA SER B 123 -10.34 -30.10 -3.82
C SER B 123 -9.82 -28.92 -3.00
N PHE B 124 -9.26 -27.94 -3.70
CA PHE B 124 -8.70 -26.76 -3.05
C PHE B 124 -9.76 -26.05 -2.20
N VAL B 125 -10.91 -25.81 -2.80
CA VAL B 125 -11.96 -25.02 -2.14
C VAL B 125 -12.47 -25.76 -0.91
N LYS B 126 -12.55 -27.09 -1.02
CA LYS B 126 -12.96 -27.94 0.09
C LYS B 126 -11.93 -27.93 1.21
N ASN B 127 -10.66 -28.10 0.84
CA ASN B 127 -9.63 -28.49 1.79
C ASN B 127 -8.76 -27.33 2.26
N SER B 128 -8.72 -26.26 1.47
CA SER B 128 -7.95 -25.08 1.82
C SER B 128 -8.63 -24.31 2.96
N PRO B 129 -7.84 -23.73 3.86
CA PRO B 129 -8.42 -22.91 4.92
C PRO B 129 -8.91 -21.55 4.43
N ALA B 130 -8.55 -21.20 3.20
CA ALA B 130 -8.88 -19.89 2.66
C ALA B 130 -10.39 -19.69 2.54
N PHE B 131 -11.11 -20.77 2.22
CA PHE B 131 -12.51 -20.66 1.85
C PHE B 131 -13.43 -21.35 2.88
N GLN B 132 -12.88 -21.64 4.04
CA GLN B 132 -13.64 -22.36 5.06
C GLN B 132 -14.77 -21.49 5.61
N GLY B 133 -15.97 -22.07 5.68
CA GLY B 133 -17.14 -21.34 6.15
C GLY B 133 -18.01 -20.87 4.99
N HIS B 134 -19.24 -20.49 5.31
CA HIS B 134 -20.19 -20.07 4.28
C HIS B 134 -19.81 -18.70 3.73
N LYS B 135 -19.34 -17.82 4.62
CA LYS B 135 -19.07 -16.44 4.26
C LYS B 135 -17.69 -16.04 4.76
N GLY B 136 -16.95 -15.29 3.95
CA GLY B 136 -15.56 -15.02 4.31
C GLY B 136 -14.87 -13.96 3.48
N VAL B 137 -13.66 -13.62 3.92
CA VAL B 137 -12.74 -12.83 3.11
C VAL B 137 -11.48 -13.65 2.85
N PHE B 138 -10.84 -13.44 1.70
CA PHE B 138 -9.61 -14.14 1.40
C PHE B 138 -8.62 -13.28 0.63
N ASP B 139 -7.33 -13.60 0.81
CA ASP B 139 -6.26 -12.95 0.06
C ASP B 139 -6.23 -13.50 -1.36
N VAL B 140 -6.59 -12.66 -2.32
CA VAL B 140 -6.84 -13.09 -3.68
C VAL B 140 -5.58 -13.61 -4.36
N CYS B 141 -4.51 -12.82 -4.29
CA CYS B 141 -3.27 -13.14 -5.00
C CYS B 141 -2.59 -14.35 -4.41
N LYS B 142 -2.66 -14.49 -3.08
CA LYS B 142 -2.08 -15.64 -2.40
C LYS B 142 -2.85 -16.90 -2.73
N THR B 143 -4.18 -16.79 -2.70
CA THR B 143 -5.05 -17.92 -2.95
C THR B 143 -4.99 -18.34 -4.42
N ILE B 144 -5.24 -17.39 -5.31
CA ILE B 144 -5.25 -17.67 -6.73
C ILE B 144 -3.90 -18.24 -7.19
N ALA B 145 -2.83 -17.73 -6.59
CA ALA B 145 -1.48 -18.21 -6.90
C ALA B 145 -1.36 -19.69 -6.53
N GLU B 146 -1.92 -20.07 -5.40
CA GLU B 146 -1.90 -21.47 -4.96
C GLU B 146 -2.68 -22.33 -5.94
N ILE B 147 -3.84 -21.85 -6.37
CA ILE B 147 -4.72 -22.60 -7.26
C ILE B 147 -4.07 -22.85 -8.62
N THR B 148 -3.45 -21.81 -9.18
CA THR B 148 -2.82 -21.91 -10.49
C THR B 148 -1.66 -22.91 -10.47
N ILE B 149 -0.94 -22.95 -9.35
CA ILE B 149 0.22 -23.84 -9.23
C ILE B 149 -0.22 -25.29 -9.17
N TYR B 150 -1.34 -25.55 -8.50
CA TYR B 150 -1.88 -26.90 -8.42
C TYR B 150 -2.44 -27.34 -9.77
N THR B 151 -3.22 -26.47 -10.39
CA THR B 151 -3.91 -26.82 -11.64
C THR B 151 -2.91 -27.02 -12.78
N ALA B 152 -1.88 -26.18 -12.81
CA ALA B 152 -0.87 -26.24 -13.86
C ALA B 152 0.03 -27.46 -13.68
N SER B 153 0.37 -27.76 -12.43
CA SER B 153 1.33 -28.81 -12.13
C SER B 153 0.68 -30.19 -12.22
N ARG B 154 -0.62 -30.25 -11.94
CA ARG B 154 -1.35 -31.50 -12.03
C ARG B 154 -1.51 -31.94 -13.49
N SER B 155 -1.89 -30.99 -14.34
CA SER B 155 -2.20 -31.30 -15.73
C SER B 155 -0.94 -31.25 -16.59
N LEU B 156 -0.29 -30.09 -16.62
CA LEU B 156 0.80 -29.85 -17.57
C LEU B 156 2.11 -30.48 -17.10
N GLN B 157 2.49 -30.22 -15.88
CA GLN B 157 3.66 -30.83 -15.30
C GLN B 157 3.57 -32.32 -15.03
N GLY B 158 2.43 -32.78 -14.57
CA GLY B 158 2.20 -34.20 -14.33
C GLY B 158 2.21 -34.59 -12.87
N LYS B 159 2.07 -35.88 -12.61
CA LYS B 159 1.72 -36.39 -11.29
C LYS B 159 2.84 -36.21 -10.27
N GLU B 160 4.06 -36.54 -10.67
CA GLU B 160 5.19 -36.51 -9.74
C GLU B 160 5.37 -35.11 -9.17
N VAL B 161 5.37 -34.12 -10.05
CA VAL B 161 5.64 -32.74 -9.67
C VAL B 161 4.58 -32.19 -8.73
N ARG B 162 3.33 -32.55 -8.99
CA ARG B 162 2.20 -32.04 -8.19
C ARG B 162 2.33 -32.49 -6.74
N SER B 163 2.59 -33.77 -6.54
CA SER B 163 2.85 -34.31 -5.20
C SER B 163 4.01 -33.59 -4.55
N LYS B 164 5.01 -33.23 -5.35
CA LYS B 164 6.19 -32.54 -4.85
C LYS B 164 5.82 -31.16 -4.30
N PHE B 165 4.80 -30.56 -4.91
CA PHE B 165 4.30 -29.27 -4.44
C PHE B 165 3.61 -29.41 -3.10
N ASP B 166 3.28 -30.63 -2.75
CA ASP B 166 2.90 -30.96 -1.42
C ASP B 166 4.04 -30.83 -0.42
N SER B 167 5.24 -31.18 -0.84
CA SER B 167 6.36 -31.14 0.08
C SER B 167 7.49 -30.16 -0.23
N THR B 168 8.45 -30.60 -1.02
CA THR B 168 9.63 -29.83 -1.37
C THR B 168 9.45 -28.69 -2.34
N PHE B 169 8.58 -28.86 -3.32
CA PHE B 169 8.63 -27.99 -4.50
C PHE B 169 8.26 -26.54 -4.18
N ALA B 170 7.36 -26.36 -3.24
CA ALA B 170 6.88 -25.02 -2.88
C ALA B 170 8.04 -24.13 -2.46
N GLU B 171 8.88 -24.66 -1.58
CA GLU B 171 10.04 -23.91 -1.10
C GLU B 171 11.04 -23.67 -2.23
N LEU B 172 11.25 -24.70 -3.04
CA LEU B 172 12.18 -24.60 -4.16
C LEU B 172 11.71 -23.54 -5.15
N TYR B 173 10.44 -23.62 -5.52
CA TYR B 173 9.82 -22.63 -6.38
C TYR B 173 10.05 -21.22 -5.83
N HIS B 174 9.73 -21.06 -4.55
CA HIS B 174 9.74 -19.74 -3.92
C HIS B 174 11.15 -19.15 -3.91
N ASN B 175 12.14 -19.99 -3.61
CA ASN B 175 13.53 -19.56 -3.64
C ASN B 175 13.98 -19.20 -5.06
N LEU B 176 13.58 -20.03 -6.02
CA LEU B 176 13.91 -19.82 -7.42
C LEU B 176 13.29 -18.51 -7.91
N ASP B 177 12.09 -18.23 -7.42
CA ASP B 177 11.30 -17.09 -7.88
C ASP B 177 12.03 -15.80 -7.53
N MET B 178 12.90 -15.88 -6.53
CA MET B 178 13.70 -14.74 -6.11
C MET B 178 14.60 -14.26 -7.25
N GLY B 179 14.64 -15.06 -8.32
CA GLY B 179 15.46 -14.72 -9.48
C GLY B 179 14.90 -13.53 -10.23
N PHE B 180 13.64 -13.18 -9.92
CA PHE B 180 12.92 -12.15 -10.66
C PHE B 180 12.89 -10.84 -9.89
N ALA B 181 13.62 -10.79 -8.80
CA ALA B 181 13.71 -9.57 -7.99
C ALA B 181 14.24 -8.43 -8.84
N PRO B 182 13.65 -7.23 -8.66
CA PRO B 182 14.00 -6.05 -9.43
C PRO B 182 15.51 -5.81 -9.53
N ILE B 183 16.20 -6.01 -8.41
CA ILE B 183 17.65 -5.82 -8.38
C ILE B 183 18.32 -6.63 -9.48
N ASN B 184 17.73 -7.78 -9.79
CA ASN B 184 18.31 -8.71 -10.76
C ASN B 184 18.18 -8.20 -12.19
N PHE B 185 17.40 -7.16 -12.39
CA PHE B 185 17.45 -6.40 -13.63
C PHE B 185 18.89 -5.91 -13.80
N MET B 186 19.39 -5.26 -12.76
CA MET B 186 20.74 -4.71 -12.76
C MET B 186 21.79 -5.81 -12.65
N LEU B 187 21.55 -6.78 -11.76
CA LEU B 187 22.62 -7.69 -11.36
C LEU B 187 22.18 -9.15 -11.29
N PRO B 188 21.73 -9.71 -12.41
CA PRO B 188 21.47 -11.14 -12.35
C PRO B 188 22.73 -11.94 -12.02
N TRP B 189 23.88 -11.44 -12.46
CA TRP B 189 25.13 -12.20 -12.39
C TRP B 189 25.73 -12.21 -10.99
N ALA B 190 25.56 -11.12 -10.25
CA ALA B 190 26.20 -10.98 -8.94
C ALA B 190 25.84 -12.14 -8.02
N PRO B 191 26.80 -12.61 -7.21
CA PRO B 191 26.49 -13.70 -6.29
C PRO B 191 25.95 -13.22 -4.95
N LEU B 192 24.95 -12.33 -5.02
CA LEU B 192 24.27 -11.86 -3.81
C LEU B 192 23.50 -13.02 -3.17
N PRO B 193 23.17 -12.89 -1.88
CA PRO B 193 22.57 -14.02 -1.19
C PRO B 193 21.32 -14.56 -1.88
N HIS B 194 20.44 -13.69 -2.35
CA HIS B 194 19.19 -14.12 -2.96
C HIS B 194 19.47 -14.85 -4.28
N ASN B 195 20.58 -14.49 -4.91
CA ASN B 195 21.01 -15.15 -6.15
C ASN B 195 21.65 -16.51 -5.89
N ARG B 196 22.42 -16.60 -4.81
CA ARG B 196 22.98 -17.88 -4.38
C ARG B 196 21.86 -18.87 -4.11
N LYS B 197 20.76 -18.36 -3.57
CA LYS B 197 19.58 -19.19 -3.30
C LYS B 197 18.93 -19.61 -4.61
N ARG B 198 18.73 -18.64 -5.50
CA ARG B 198 18.16 -18.91 -6.81
C ARG B 198 18.90 -20.08 -7.47
N ASP B 199 20.22 -20.00 -7.46
CA ASP B 199 21.05 -20.99 -8.13
C ASP B 199 20.90 -22.35 -7.46
N ALA B 200 20.93 -22.35 -6.12
CA ALA B 200 20.76 -23.57 -5.34
C ALA B 200 19.43 -24.24 -5.70
N ALA B 201 18.37 -23.43 -5.78
CA ALA B 201 17.04 -23.94 -6.07
C ALA B 201 16.98 -24.47 -7.50
N GLN B 202 17.60 -23.73 -8.42
CA GLN B 202 17.64 -24.15 -9.82
C GLN B 202 18.23 -25.53 -9.96
N ARG B 203 19.29 -25.80 -9.20
CA ARG B 203 20.00 -27.07 -9.30
C ARG B 203 19.14 -28.24 -8.83
N LYS B 204 18.61 -28.13 -7.61
CA LYS B 204 17.82 -29.21 -7.04
C LYS B 204 16.61 -29.54 -7.91
N LEU B 205 15.96 -28.50 -8.43
CA LEU B 205 14.78 -28.69 -9.27
C LEU B 205 15.13 -29.54 -10.48
N THR B 206 16.23 -29.18 -11.12
CA THR B 206 16.75 -29.95 -12.26
C THR B 206 16.99 -31.40 -11.86
N GLU B 207 17.69 -31.59 -10.74
CA GLU B 207 17.97 -32.93 -10.25
C GLU B 207 16.69 -33.73 -10.12
N THR B 208 15.68 -33.14 -9.49
CA THR B 208 14.44 -33.82 -9.20
C THR B 208 13.72 -34.19 -10.50
N TYR B 209 13.70 -33.26 -11.42
CA TYR B 209 13.05 -33.46 -12.70
C TYR B 209 13.70 -34.59 -13.46
N MET B 210 15.01 -34.66 -13.38
CA MET B 210 15.78 -35.66 -14.11
C MET B 210 15.57 -37.06 -13.51
N GLU B 211 15.52 -37.13 -12.19
CA GLU B 211 15.20 -38.37 -11.51
C GLU B 211 13.81 -38.86 -11.91
N ILE B 212 12.87 -37.92 -12.03
CA ILE B 212 11.51 -38.23 -12.41
C ILE B 212 11.47 -38.83 -13.82
N ILE B 213 12.15 -38.16 -14.74
CA ILE B 213 12.30 -38.66 -16.10
C ILE B 213 12.87 -40.08 -16.11
N LYS B 214 13.98 -40.25 -15.40
CA LYS B 214 14.72 -41.51 -15.43
C LYS B 214 13.87 -42.67 -14.93
N ALA B 215 13.16 -42.45 -13.83
CA ALA B 215 12.24 -43.43 -13.29
C ALA B 215 11.26 -43.91 -14.36
N ARG B 216 10.82 -42.99 -15.19
CA ARG B 216 9.86 -43.33 -16.23
C ARG B 216 10.37 -44.26 -17.31
N ARG B 217 11.57 -43.99 -17.81
CA ARG B 217 12.18 -44.85 -18.81
C ARG B 217 12.28 -46.28 -18.28
N GLN B 218 12.60 -46.39 -16.99
CA GLN B 218 12.81 -47.69 -16.36
C GLN B 218 11.57 -48.57 -16.46
N ALA B 219 10.40 -47.95 -16.35
CA ALA B 219 9.14 -48.69 -16.36
C ALA B 219 8.53 -48.73 -17.75
N GLY B 220 8.99 -47.83 -18.62
CA GLY B 220 8.60 -47.83 -20.03
C GLY B 220 7.10 -47.67 -20.25
N SER B 221 6.52 -46.69 -19.58
CA SER B 221 5.08 -46.43 -19.65
C SER B 221 4.75 -45.28 -20.60
N LYS B 222 3.46 -45.06 -20.82
CA LYS B 222 2.91 -43.71 -20.95
C LYS B 222 1.46 -43.69 -20.51
N LYS B 223 1.10 -42.72 -19.67
CA LYS B 223 -0.27 -42.65 -19.16
C LYS B 223 -0.96 -41.29 -19.13
N ASP B 224 -0.36 -40.25 -19.69
CA ASP B 224 -1.02 -38.97 -19.66
C ASP B 224 -0.43 -38.04 -20.68
N SER B 225 -0.90 -36.81 -20.70
CA SER B 225 -0.42 -35.84 -21.65
C SER B 225 0.56 -34.82 -21.15
N GLU B 226 1.13 -35.03 -19.98
CA GLU B 226 2.00 -34.04 -19.40
C GLU B 226 3.09 -33.73 -20.38
N ASP B 227 3.36 -32.47 -20.61
CA ASP B 227 4.40 -32.12 -21.57
C ASP B 227 5.63 -33.01 -21.36
N MET B 228 5.75 -33.51 -20.13
CA MET B 228 6.92 -34.29 -19.75
C MET B 228 7.06 -35.61 -20.50
N VAL B 229 5.98 -36.38 -20.60
CA VAL B 229 5.99 -37.54 -21.48
C VAL B 229 6.23 -37.07 -22.91
N TRP B 230 5.62 -35.94 -23.24
CA TRP B 230 5.69 -35.35 -24.58
C TRP B 230 7.13 -35.01 -24.97
N ASN B 231 7.84 -34.36 -24.06
CA ASN B 231 9.20 -33.91 -24.34
C ASN B 231 10.17 -35.09 -24.47
N LEU B 232 9.92 -36.15 -23.72
CA LEU B 232 10.70 -37.36 -23.85
C LEU B 232 10.66 -37.89 -25.28
N MET B 233 9.45 -37.95 -25.86
CA MET B 233 9.29 -38.25 -27.28
C MET B 233 9.73 -37.10 -28.18
N SER B 234 9.23 -35.91 -27.87
CA SER B 234 9.45 -34.76 -28.75
C SER B 234 10.90 -34.44 -28.44
N CYS B 235 11.71 -35.46 -28.72
CA CYS B 235 13.08 -35.51 -28.21
C CYS B 235 13.69 -34.67 -29.32
N VAL B 236 13.40 -35.07 -30.55
CA VAL B 236 14.34 -34.81 -31.63
C VAL B 236 14.30 -33.47 -32.36
N TYR B 237 15.41 -32.75 -32.22
CA TYR B 237 15.74 -31.68 -33.14
C TYR B 237 15.87 -32.22 -34.56
N LYS B 238 16.09 -31.30 -35.50
CA LYS B 238 16.40 -31.69 -36.85
C LYS B 238 17.69 -32.51 -36.88
N ASN B 239 18.68 -32.08 -36.10
CA ASN B 239 19.97 -32.74 -36.10
C ASN B 239 19.77 -34.25 -35.91
N GLY B 240 18.65 -34.61 -35.30
CA GLY B 240 18.35 -36.00 -35.02
C GLY B 240 18.73 -36.35 -33.59
N THR B 241 19.27 -35.38 -32.87
CA THR B 241 19.55 -35.56 -31.46
C THR B 241 18.24 -35.48 -30.67
N PRO B 242 17.94 -36.54 -29.90
CA PRO B 242 16.78 -36.44 -29.03
C PRO B 242 17.00 -35.35 -27.98
N VAL B 243 15.92 -34.82 -27.43
CA VAL B 243 16.02 -33.78 -26.41
C VAL B 243 16.57 -34.38 -25.12
N PRO B 244 17.79 -33.96 -24.74
CA PRO B 244 18.48 -34.41 -23.54
C PRO B 244 17.65 -34.15 -22.29
N ASP B 245 17.73 -35.07 -21.33
CA ASP B 245 16.93 -34.99 -20.12
C ASP B 245 17.08 -33.64 -19.43
N GLU B 246 18.30 -33.13 -19.41
CA GLU B 246 18.59 -31.86 -18.76
C GLU B 246 17.80 -30.73 -19.39
N GLU B 247 17.76 -30.71 -20.71
CA GLU B 247 17.02 -29.70 -21.46
C GLU B 247 15.52 -29.82 -21.21
N ILE B 248 15.06 -31.05 -21.01
CA ILE B 248 13.66 -31.31 -20.69
C ILE B 248 13.31 -30.68 -19.33
N ALA B 249 14.17 -30.93 -18.35
CA ALA B 249 13.96 -30.41 -17.00
C ALA B 249 13.92 -28.88 -17.03
N HIS B 250 14.85 -28.28 -17.75
CA HIS B 250 14.96 -26.82 -17.82
C HIS B 250 13.73 -26.22 -18.52
N MET B 251 13.31 -26.87 -19.59
CA MET B 251 12.13 -26.44 -20.34
C MET B 251 10.90 -26.50 -19.44
N MET B 252 10.84 -27.55 -18.62
CA MET B 252 9.73 -27.74 -17.69
C MET B 252 9.69 -26.62 -16.66
N ILE B 253 10.86 -26.26 -16.14
CA ILE B 253 10.97 -25.19 -15.16
C ILE B 253 10.54 -23.86 -15.77
N ALA B 254 11.02 -23.60 -16.98
CA ALA B 254 10.66 -22.38 -17.70
C ALA B 254 9.15 -22.30 -17.87
N LEU B 255 8.54 -23.42 -18.22
CA LEU B 255 7.09 -23.51 -18.43
C LEU B 255 6.36 -23.27 -17.11
N LEU B 256 6.92 -23.83 -16.04
CA LEU B 256 6.35 -23.68 -14.71
C LEU B 256 6.36 -22.21 -14.29
N MET B 257 7.50 -21.56 -14.52
CA MET B 257 7.69 -20.18 -14.07
C MET B 257 6.82 -19.22 -14.87
N ALA B 258 6.90 -19.31 -16.19
CA ALA B 258 6.19 -18.41 -17.08
C ALA B 258 4.68 -18.51 -16.91
N GLY B 259 4.18 -19.75 -16.85
CA GLY B 259 2.75 -19.98 -16.73
C GLY B 259 2.20 -19.49 -15.41
N GLN B 260 2.90 -19.82 -14.33
CA GLN B 260 2.45 -19.46 -12.99
C GLN B 260 2.33 -17.96 -12.84
N HIS B 261 3.35 -17.23 -13.31
CA HIS B 261 3.39 -15.78 -13.16
C HIS B 261 2.32 -15.11 -13.99
N SER B 262 2.24 -15.50 -15.27
CA SER B 262 1.24 -14.95 -16.18
C SER B 262 -0.17 -15.27 -15.70
N SER B 263 -0.41 -16.53 -15.40
CA SER B 263 -1.76 -17.01 -15.09
C SER B 263 -2.26 -16.47 -13.76
N SER B 264 -1.45 -16.63 -12.71
CA SER B 264 -1.87 -16.27 -11.36
C SER B 264 -2.20 -14.79 -11.27
N SER B 265 -1.42 -13.97 -11.95
CA SER B 265 -1.67 -12.53 -12.00
C SER B 265 -3.01 -12.25 -12.69
N THR B 266 -3.16 -12.80 -13.88
CA THR B 266 -4.36 -12.58 -14.69
C THR B 266 -5.61 -13.08 -13.98
N ALA B 267 -5.51 -14.29 -13.42
CA ALA B 267 -6.63 -14.91 -12.71
C ALA B 267 -7.03 -14.06 -11.50
N SER B 268 -6.02 -13.50 -10.83
CA SER B 268 -6.24 -12.61 -9.70
C SER B 268 -7.09 -11.42 -10.13
N TRP B 269 -6.69 -10.78 -11.22
CA TRP B 269 -7.41 -9.63 -11.74
C TRP B 269 -8.86 -9.98 -12.07
N ILE B 270 -9.05 -11.17 -12.63
CA ILE B 270 -10.38 -11.63 -13.00
C ILE B 270 -11.28 -11.66 -11.77
N VAL B 271 -10.76 -12.20 -10.68
CA VAL B 271 -11.52 -12.31 -9.44
C VAL B 271 -11.80 -10.94 -8.84
N LEU B 272 -10.83 -10.05 -8.95
CA LEU B 272 -10.97 -8.69 -8.43
C LEU B 272 -12.02 -7.92 -9.23
N ARG B 273 -11.96 -8.05 -10.54
CA ARG B 273 -12.93 -7.40 -11.43
C ARG B 273 -14.33 -7.94 -11.16
N LEU B 274 -14.45 -9.25 -11.04
CA LEU B 274 -15.73 -9.90 -10.80
C LEU B 274 -16.36 -9.42 -9.51
N ALA B 275 -15.52 -9.16 -8.51
CA ALA B 275 -15.98 -8.67 -7.22
C ALA B 275 -16.62 -7.30 -7.35
N THR B 276 -16.05 -6.48 -8.23
CA THR B 276 -16.54 -5.13 -8.47
C THR B 276 -17.82 -5.16 -9.30
N ARG B 277 -18.04 -6.27 -10.00
CA ARG B 277 -19.11 -6.36 -10.98
C ARG B 277 -19.96 -7.59 -10.76
N PRO B 278 -20.77 -7.57 -9.69
CA PRO B 278 -21.72 -8.64 -9.37
C PRO B 278 -22.69 -8.93 -10.51
N ASP B 279 -23.06 -7.90 -11.26
CA ASP B 279 -23.94 -8.09 -12.42
C ASP B 279 -23.31 -9.08 -13.39
N ILE B 280 -22.00 -8.96 -13.58
CA ILE B 280 -21.27 -9.80 -14.52
C ILE B 280 -21.20 -11.25 -14.03
N MET B 281 -20.83 -11.41 -12.77
CA MET B 281 -20.69 -12.74 -12.19
C MET B 281 -22.01 -13.50 -12.33
N GLU B 282 -23.11 -12.83 -12.03
CA GLU B 282 -24.43 -13.43 -12.12
C GLU B 282 -24.69 -13.90 -13.54
N GLU B 283 -24.41 -13.01 -14.49
CA GLU B 283 -24.54 -13.33 -15.91
C GLU B 283 -23.74 -14.56 -16.28
N LEU B 284 -22.47 -14.61 -15.84
CA LEU B 284 -21.62 -15.77 -16.08
C LEU B 284 -22.33 -17.03 -15.57
N TYR B 285 -22.78 -16.97 -14.33
CA TYR B 285 -23.50 -18.08 -13.72
C TYR B 285 -24.67 -18.51 -14.60
N GLN B 286 -25.44 -17.53 -15.07
CA GLN B 286 -26.60 -17.81 -15.90
C GLN B 286 -26.20 -18.43 -17.23
N GLU B 287 -25.08 -17.95 -17.77
CA GLU B 287 -24.54 -18.51 -19.01
C GLU B 287 -24.32 -20.01 -18.86
N GLN B 288 -23.80 -20.42 -17.70
CA GLN B 288 -23.57 -21.83 -17.43
C GLN B 288 -24.88 -22.59 -17.36
N ILE B 289 -25.89 -21.96 -16.76
CA ILE B 289 -27.23 -22.52 -16.71
C ILE B 289 -27.80 -22.61 -18.12
N ARG B 290 -27.57 -21.56 -18.89
CA ARG B 290 -28.16 -21.43 -20.22
C ARG B 290 -27.59 -22.46 -21.19
N VAL B 291 -26.26 -22.51 -21.28
CA VAL B 291 -25.61 -23.34 -22.29
C VAL B 291 -25.21 -24.71 -21.78
N LEU B 292 -25.37 -24.91 -20.46
CA LEU B 292 -25.29 -26.23 -19.87
C LEU B 292 -26.57 -26.48 -19.07
N GLY B 293 -26.73 -27.70 -18.57
CA GLY B 293 -27.89 -28.05 -17.75
C GLY B 293 -27.94 -27.19 -16.50
N SER B 294 -29.15 -26.96 -16.01
CA SER B 294 -29.34 -26.32 -14.71
C SER B 294 -28.83 -27.24 -13.61
N ASP B 295 -28.68 -28.53 -13.95
CA ASP B 295 -28.01 -29.49 -13.09
C ASP B 295 -26.52 -29.17 -12.98
N LEU B 296 -26.05 -28.23 -13.79
CA LEU B 296 -24.64 -27.83 -13.77
C LEU B 296 -23.74 -29.05 -13.88
N PRO B 297 -23.89 -29.81 -14.98
CA PRO B 297 -23.04 -30.98 -15.17
C PRO B 297 -21.57 -30.57 -15.25
N PRO B 298 -20.65 -31.54 -15.07
CA PRO B 298 -19.25 -31.15 -15.01
C PRO B 298 -18.76 -30.56 -16.33
N LEU B 299 -17.67 -29.81 -16.25
CA LEU B 299 -17.10 -29.12 -17.40
C LEU B 299 -16.29 -30.08 -18.26
N THR B 300 -16.37 -29.88 -19.57
CA THR B 300 -15.52 -30.61 -20.52
C THR B 300 -14.89 -29.61 -21.48
N TYR B 301 -13.83 -30.06 -22.15
CA TYR B 301 -13.13 -29.25 -23.13
C TYR B 301 -14.12 -28.71 -24.17
N ASP B 302 -15.13 -29.49 -24.47
CA ASP B 302 -16.10 -29.14 -25.51
C ASP B 302 -17.08 -28.06 -25.05
N ASN B 303 -17.60 -28.20 -23.84
CA ASN B 303 -18.65 -27.29 -23.36
C ASN B 303 -18.12 -25.96 -22.85
N LEU B 304 -16.85 -25.93 -22.47
CA LEU B 304 -16.19 -24.69 -22.09
C LEU B 304 -16.31 -23.66 -23.20
N GLN B 305 -16.02 -24.11 -24.41
CA GLN B 305 -15.85 -23.24 -25.58
C GLN B 305 -17.15 -22.52 -25.89
N LYS B 306 -18.23 -23.07 -25.35
CA LYS B 306 -19.54 -22.46 -25.54
C LYS B 306 -19.80 -21.39 -24.49
N LEU B 307 -18.91 -21.30 -23.52
CA LEU B 307 -19.06 -20.26 -22.51
C LEU B 307 -18.49 -18.95 -23.06
N ASP B 308 -19.32 -18.28 -23.82
CA ASP B 308 -18.88 -17.13 -24.61
C ASP B 308 -18.49 -15.98 -23.68
N LEU B 309 -19.33 -15.74 -22.68
CA LEU B 309 -19.13 -14.62 -21.76
C LEU B 309 -17.85 -14.80 -20.95
N HIS B 310 -17.55 -16.04 -20.57
CA HIS B 310 -16.38 -16.35 -19.78
C HIS B 310 -15.11 -15.93 -20.51
N ALA B 311 -15.07 -16.21 -21.80
CA ALA B 311 -13.91 -15.87 -22.63
C ALA B 311 -13.75 -14.36 -22.76
N LYS B 312 -14.86 -13.67 -22.92
CA LYS B 312 -14.85 -12.23 -23.06
C LYS B 312 -14.33 -11.58 -21.79
N VAL B 313 -14.70 -12.14 -20.66
CA VAL B 313 -14.24 -11.69 -19.36
C VAL B 313 -12.72 -11.81 -19.29
N ILE B 314 -12.22 -12.98 -19.68
CA ILE B 314 -10.79 -13.23 -19.73
C ILE B 314 -10.13 -12.30 -20.74
N LYS B 315 -10.79 -12.12 -21.87
CA LYS B 315 -10.26 -11.30 -22.95
C LYS B 315 -10.20 -9.83 -22.54
N GLU B 316 -11.24 -9.37 -21.84
CA GLU B 316 -11.31 -7.99 -21.38
C GLU B 316 -10.31 -7.71 -20.27
N THR B 317 -10.12 -8.69 -19.39
CA THR B 317 -9.15 -8.57 -18.31
C THR B 317 -7.74 -8.46 -18.88
N LEU B 318 -7.47 -9.26 -19.90
CA LEU B 318 -6.19 -9.25 -20.57
C LEU B 318 -5.91 -7.90 -21.22
N ARG B 319 -6.96 -7.31 -21.80
CA ARG B 319 -6.84 -6.02 -22.46
C ARG B 319 -6.32 -4.97 -21.50
N LEU B 320 -6.69 -5.10 -20.23
CA LEU B 320 -6.40 -4.07 -19.24
C LEU B 320 -5.31 -4.51 -18.25
N HIS B 321 -5.08 -5.82 -18.14
CA HIS B 321 -4.30 -6.35 -17.03
C HIS B 321 -3.24 -7.40 -17.39
N ALA B 322 -2.95 -7.58 -18.68
CA ALA B 322 -1.96 -8.56 -19.09
C ALA B 322 -0.62 -8.27 -18.41
N PRO B 323 0.04 -9.31 -17.88
CA PRO B 323 1.24 -9.11 -17.07
C PRO B 323 2.41 -8.52 -17.84
N ILE B 324 2.56 -8.90 -19.10
CA ILE B 324 3.62 -8.32 -19.94
C ILE B 324 3.16 -6.99 -20.52
N HIS B 325 3.89 -5.94 -20.19
CA HIS B 325 3.59 -4.65 -20.75
C HIS B 325 4.72 -4.12 -21.58
N SER B 326 5.92 -4.60 -21.34
CA SER B 326 7.05 -4.13 -22.13
C SER B 326 7.74 -5.27 -22.81
N ILE B 327 7.83 -5.18 -24.12
CA ILE B 327 8.53 -6.17 -24.92
C ILE B 327 9.73 -5.50 -25.59
N ILE B 328 10.90 -6.06 -25.41
CA ILE B 328 12.10 -5.36 -25.76
C ILE B 328 13.06 -6.16 -26.59
N ARG B 329 13.80 -5.48 -27.44
CA ARG B 329 14.81 -6.13 -28.23
C ARG B 329 16.05 -5.27 -28.26
N ALA B 330 17.19 -5.91 -28.40
CA ALA B 330 18.46 -5.20 -28.61
C ALA B 330 18.65 -4.88 -30.09
N VAL B 331 19.28 -3.75 -30.35
CA VAL B 331 19.56 -3.33 -31.73
C VAL B 331 20.98 -3.75 -32.11
N LYS B 332 21.09 -4.62 -33.11
CA LYS B 332 22.39 -5.17 -33.50
C LYS B 332 22.90 -4.55 -34.79
N ASN B 333 21.99 -3.95 -35.54
CA ASN B 333 22.36 -3.12 -36.70
C ASN B 333 21.44 -1.92 -36.82
N PRO B 334 21.98 -0.77 -37.24
CA PRO B 334 21.15 0.42 -37.24
C PRO B 334 19.86 0.21 -38.02
N MET B 335 18.76 0.76 -37.50
CA MET B 335 17.44 0.48 -38.05
C MET B 335 16.82 1.73 -38.67
N ALA B 336 16.18 1.52 -39.81
CA ALA B 336 15.56 2.61 -40.56
C ALA B 336 14.05 2.55 -40.38
N VAL B 337 13.49 3.69 -39.98
CA VAL B 337 12.06 3.81 -39.74
C VAL B 337 11.38 4.14 -41.07
N ASP B 338 10.83 3.12 -41.70
CA ASP B 338 10.51 3.21 -43.13
C ASP B 338 9.56 4.39 -43.34
N GLY B 339 8.90 4.80 -42.26
CA GLY B 339 8.04 5.97 -42.28
C GLY B 339 8.75 7.26 -42.60
N THR B 340 9.94 7.47 -42.03
CA THR B 340 10.61 8.76 -42.11
C THR B 340 12.05 8.78 -41.58
N SER B 341 12.55 10.00 -41.39
CA SER B 341 13.96 10.28 -41.16
C SER B 341 14.67 9.44 -40.11
N TYR B 342 14.02 9.25 -38.97
CA TYR B 342 14.71 8.70 -37.81
C TYR B 342 15.49 7.45 -38.21
N VAL B 343 16.69 7.31 -37.63
CA VAL B 343 17.37 6.02 -37.64
C VAL B 343 17.73 5.65 -36.20
N ILE B 344 17.59 4.36 -35.88
CA ILE B 344 17.90 3.90 -34.53
C ILE B 344 19.22 3.14 -34.48
N PRO B 345 20.14 3.59 -33.63
CA PRO B 345 21.49 3.06 -33.53
C PRO B 345 21.60 1.74 -32.77
N THR B 346 22.78 1.14 -32.87
CA THR B 346 23.05 -0.19 -32.33
C THR B 346 23.33 -0.11 -30.83
N SER B 347 23.43 1.10 -30.32
CA SER B 347 23.66 1.31 -28.89
C SER B 347 22.33 1.31 -28.14
N HIS B 348 21.28 0.93 -28.87
CA HIS B 348 19.92 1.27 -28.49
C HIS B 348 19.06 0.02 -28.43
N ASN B 349 18.33 -0.13 -27.33
CA ASN B 349 17.25 -1.11 -27.27
C ASN B 349 15.94 -0.49 -27.77
N VAL B 350 15.09 -1.34 -28.34
CA VAL B 350 13.74 -0.92 -28.71
C VAL B 350 12.75 -1.54 -27.74
N LEU B 351 11.72 -0.77 -27.39
CA LEU B 351 10.67 -1.26 -26.52
C LEU B 351 9.31 -1.15 -27.20
N SER B 352 8.59 -2.27 -27.23
CA SER B 352 7.24 -2.29 -27.79
C SER B 352 6.21 -2.52 -26.70
N SER B 353 5.14 -1.74 -26.72
CA SER B 353 4.07 -1.87 -25.73
C SER B 353 2.69 -1.97 -26.38
N PRO B 354 2.28 -3.19 -26.74
CA PRO B 354 0.98 -3.46 -27.34
C PRO B 354 -0.19 -3.05 -26.44
N GLY B 355 -0.02 -3.20 -25.14
CA GLY B 355 -1.05 -2.82 -24.18
C GLY B 355 -1.45 -1.37 -24.36
N VAL B 356 -0.55 -0.58 -24.96
CA VAL B 356 -0.82 0.82 -25.22
C VAL B 356 -1.94 0.99 -26.23
N THR B 357 -1.83 0.29 -27.36
CA THR B 357 -2.89 0.25 -28.36
C THR B 357 -4.17 -0.30 -27.74
N ALA B 358 -3.99 -1.22 -26.79
CA ALA B 358 -5.09 -1.95 -26.17
C ALA B 358 -5.99 -1.01 -25.38
N ARG B 359 -5.41 0.05 -24.82
CA ARG B 359 -6.14 0.98 -23.99
C ARG B 359 -6.19 2.36 -24.62
N SER B 360 -6.31 2.38 -25.94
CA SER B 360 -6.40 3.61 -26.72
C SER B 360 -7.82 3.85 -27.23
N GLU B 361 -8.23 5.11 -27.18
CA GLU B 361 -9.57 5.49 -27.62
C GLU B 361 -9.79 5.16 -29.09
N GLU B 362 -8.76 5.38 -29.91
CA GLU B 362 -8.87 5.16 -31.34
C GLU B 362 -9.39 3.76 -31.64
N HIS B 363 -8.93 2.79 -30.85
CA HIS B 363 -9.25 1.39 -31.11
C HIS B 363 -10.30 0.87 -30.14
N PHE B 364 -10.28 1.41 -28.92
CA PHE B 364 -11.32 1.03 -27.96
C PHE B 364 -12.02 2.22 -27.35
N PRO B 365 -13.32 2.36 -27.61
CA PRO B 365 -13.96 3.46 -26.90
C PRO B 365 -14.02 3.26 -25.39
N ASN B 366 -13.78 4.34 -24.65
CA ASN B 366 -13.76 4.33 -23.19
C ASN B 366 -12.83 3.33 -22.59
N PRO B 367 -11.60 3.33 -23.05
CA PRO B 367 -10.72 2.18 -22.86
C PRO B 367 -10.61 1.59 -21.46
N LEU B 368 -10.55 2.47 -20.47
CA LEU B 368 -10.19 2.08 -19.10
C LEU B 368 -11.36 1.46 -18.35
N GLU B 369 -12.57 1.68 -18.87
CA GLU B 369 -13.73 0.94 -18.38
C GLU B 369 -13.54 -0.54 -18.67
N TRP B 370 -13.72 -1.35 -17.65
CA TRP B 370 -13.64 -2.81 -17.80
C TRP B 370 -15.01 -3.36 -18.18
N ASN B 371 -15.24 -3.54 -19.48
CA ASN B 371 -16.52 -4.01 -19.97
C ASN B 371 -16.35 -5.24 -20.86
N PRO B 372 -16.79 -6.42 -20.38
CA PRO B 372 -16.64 -7.61 -21.21
C PRO B 372 -17.52 -7.55 -22.45
N HIS B 373 -18.69 -6.92 -22.32
CA HIS B 373 -19.70 -6.96 -23.35
C HIS B 373 -19.28 -6.22 -24.62
N ARG B 374 -18.25 -5.39 -24.48
CA ARG B 374 -17.72 -4.64 -25.62
C ARG B 374 -17.23 -5.60 -26.69
N TRP B 375 -17.04 -6.86 -26.31
CA TRP B 375 -16.53 -7.88 -27.21
C TRP B 375 -17.66 -8.50 -28.05
N ASP B 376 -18.88 -8.06 -27.78
CA ASP B 376 -20.02 -8.47 -28.60
C ASP B 376 -19.93 -7.86 -29.99
N GLU B 377 -18.91 -7.04 -30.21
CA GLU B 377 -18.62 -6.51 -31.54
C GLU B 377 -17.51 -7.32 -32.21
N ASN B 378 -16.54 -7.77 -31.43
CA ASN B 378 -15.55 -8.72 -31.91
C ASN B 378 -15.23 -9.78 -30.86
N ILE B 379 -15.06 -11.03 -31.29
CA ILE B 379 -14.53 -12.06 -30.42
C ILE B 379 -14.06 -13.31 -31.14
N ALA B 380 -12.87 -13.77 -30.77
CA ALA B 380 -12.41 -15.11 -31.08
C ALA B 380 -11.34 -15.53 -30.05
N ALA B 381 -11.40 -16.79 -29.63
CA ALA B 381 -10.21 -17.44 -29.06
C ALA B 381 -9.40 -17.92 -30.24
N SER B 382 -9.80 -17.37 -31.39
CA SER B 382 -9.55 -17.97 -32.70
C SER B 382 -8.86 -16.98 -33.64
N ALA B 383 -7.72 -17.42 -34.16
CA ALA B 383 -7.25 -17.03 -35.48
C ALA B 383 -6.81 -15.57 -35.55
N GLU B 384 -6.58 -15.14 -36.78
CA GLU B 384 -6.28 -13.76 -37.11
C GLU B 384 -6.51 -13.55 -38.60
N ASP B 385 -6.44 -12.30 -39.05
CA ASP B 385 -6.79 -11.97 -40.41
C ASP B 385 -5.62 -11.40 -41.23
N ASP B 386 -4.40 -11.80 -40.90
CA ASP B 386 -3.22 -11.18 -41.52
C ASP B 386 -2.26 -12.17 -42.15
N GLU B 387 -1.32 -11.64 -42.92
CA GLU B 387 -0.21 -12.42 -43.47
C GLU B 387 0.35 -13.35 -42.40
N LYS B 388 0.54 -14.62 -42.77
CA LYS B 388 1.01 -15.63 -41.84
C LYS B 388 2.37 -16.18 -42.21
N VAL B 389 3.18 -16.48 -41.20
CA VAL B 389 4.51 -17.03 -41.41
C VAL B 389 4.79 -18.16 -40.43
N ASP B 390 5.59 -19.12 -40.87
CA ASP B 390 6.10 -20.18 -40.00
C ASP B 390 7.58 -19.98 -39.74
N TYR B 391 7.93 -19.69 -38.49
CA TYR B 391 9.33 -19.55 -38.09
C TYR B 391 9.88 -20.90 -37.63
N GLY B 392 9.05 -21.94 -37.72
CA GLY B 392 9.49 -23.29 -37.39
C GLY B 392 8.76 -23.93 -36.23
N TYR B 393 7.97 -23.16 -35.51
CA TYR B 393 7.04 -23.72 -34.53
C TYR B 393 5.61 -23.75 -35.06
N GLY B 394 5.49 -23.86 -36.37
CA GLY B 394 4.19 -23.96 -37.02
C GLY B 394 3.68 -22.59 -37.43
N LEU B 395 2.61 -22.59 -38.23
CA LEU B 395 2.09 -21.34 -38.78
C LEU B 395 1.49 -20.49 -37.68
N VAL B 396 1.62 -19.18 -37.82
CA VAL B 396 0.96 -18.26 -36.89
C VAL B 396 0.92 -16.85 -37.44
N SER B 397 -0.09 -16.10 -37.01
CA SER B 397 -0.34 -14.78 -37.59
C SER B 397 0.82 -13.84 -37.26
N LYS B 398 1.59 -13.52 -38.29
CA LYS B 398 2.51 -12.39 -38.25
C LYS B 398 1.72 -11.12 -37.98
N GLY B 399 0.40 -11.24 -38.13
CA GLY B 399 -0.46 -10.08 -38.28
C GLY B 399 -0.27 -9.05 -37.20
N THR B 400 -0.08 -7.82 -37.64
CA THR B 400 0.16 -6.68 -36.76
C THR B 400 -0.80 -5.55 -37.07
N ASN B 401 -1.94 -5.85 -37.68
CA ASN B 401 -2.94 -4.81 -37.88
C ASN B 401 -3.89 -4.68 -36.69
N SER B 402 -3.85 -5.67 -35.81
CA SER B 402 -4.65 -5.65 -34.59
C SER B 402 -4.02 -4.75 -33.53
N PRO B 403 -4.86 -4.04 -32.76
CA PRO B 403 -4.36 -3.23 -31.65
C PRO B 403 -4.30 -4.06 -30.38
N TYR B 404 -4.75 -5.30 -30.47
CA TYR B 404 -4.90 -6.18 -29.31
C TYR B 404 -3.91 -7.33 -29.38
N LEU B 405 -2.82 -7.22 -28.64
CA LEU B 405 -1.78 -8.25 -28.67
C LEU B 405 -1.38 -8.66 -27.26
N PRO B 406 -2.25 -9.41 -26.57
CA PRO B 406 -1.94 -9.88 -25.23
C PRO B 406 -0.78 -10.88 -25.24
N PHE B 407 -0.64 -11.62 -26.33
CA PHE B 407 0.32 -12.70 -26.39
C PHE B 407 1.42 -12.39 -27.41
N GLY B 408 1.45 -11.15 -27.86
CA GLY B 408 2.50 -10.67 -28.75
C GLY B 408 2.25 -11.05 -30.19
N ALA B 409 3.32 -11.02 -30.98
CA ALA B 409 3.24 -11.27 -32.42
C ALA B 409 4.63 -11.59 -32.96
N GLY B 410 4.69 -12.10 -34.17
CA GLY B 410 5.98 -12.41 -34.81
C GLY B 410 6.53 -13.73 -34.30
N ARG B 411 7.85 -13.88 -34.38
CA ARG B 411 8.49 -15.16 -34.11
C ARG B 411 8.51 -15.49 -32.62
N HIS B 412 8.43 -14.45 -31.79
CA HIS B 412 8.51 -14.63 -30.34
C HIS B 412 7.13 -14.70 -29.70
N ARG B 413 6.12 -14.89 -30.54
CA ARG B 413 4.74 -14.95 -30.06
C ARG B 413 4.58 -16.02 -28.99
N CYS B 414 3.68 -15.79 -28.04
CA CYS B 414 3.41 -16.76 -26.99
C CYS B 414 2.85 -18.04 -27.60
N ILE B 415 3.35 -19.17 -27.11
CA ILE B 415 2.85 -20.48 -27.54
C ILE B 415 1.98 -21.11 -26.46
N GLY B 416 1.83 -20.41 -25.35
CA GLY B 416 1.04 -20.91 -24.22
C GLY B 416 -0.38 -20.39 -24.19
N GLU B 417 -0.79 -19.74 -25.27
CA GLU B 417 -2.05 -19.00 -25.29
C GLU B 417 -3.25 -19.89 -24.99
N GLN B 418 -3.37 -20.96 -25.76
CA GLN B 418 -4.53 -21.86 -25.64
C GLN B 418 -4.62 -22.50 -24.27
N PHE B 419 -3.47 -22.93 -23.74
CA PHE B 419 -3.44 -23.55 -22.42
C PHE B 419 -3.84 -22.53 -21.36
N ALA B 420 -3.34 -21.31 -21.53
CA ALA B 420 -3.64 -20.22 -20.59
C ALA B 420 -5.15 -19.95 -20.57
N TYR B 421 -5.74 -19.82 -21.76
CA TYR B 421 -7.17 -19.62 -21.88
C TYR B 421 -7.93 -20.75 -21.19
N LEU B 422 -7.47 -21.97 -21.42
CA LEU B 422 -8.13 -23.15 -20.89
C LEU B 422 -8.12 -23.12 -19.37
N GLN B 423 -6.94 -22.84 -18.80
CA GLN B 423 -6.78 -22.85 -17.36
C GLN B 423 -7.61 -21.75 -16.71
N LEU B 424 -7.49 -20.54 -17.24
CA LEU B 424 -8.24 -19.39 -16.72
C LEU B 424 -9.73 -19.63 -16.91
N GLY B 425 -10.11 -19.99 -18.13
CA GLY B 425 -11.50 -20.31 -18.43
C GLY B 425 -12.06 -21.33 -17.45
N THR B 426 -11.28 -22.37 -17.19
CA THR B 426 -11.74 -23.46 -16.33
C THR B 426 -11.89 -22.99 -14.90
N ILE B 427 -10.87 -22.32 -14.39
CA ILE B 427 -10.83 -21.89 -13.00
C ILE B 427 -11.99 -20.94 -12.67
N THR B 428 -12.24 -19.98 -13.55
CA THR B 428 -13.28 -18.99 -13.30
C THR B 428 -14.66 -19.64 -13.37
N ALA B 429 -14.81 -20.58 -14.30
CA ALA B 429 -16.06 -21.32 -14.43
C ALA B 429 -16.41 -22.06 -13.14
N VAL B 430 -15.41 -22.65 -12.51
CA VAL B 430 -15.62 -23.39 -11.27
C VAL B 430 -15.99 -22.45 -10.14
N LEU B 431 -15.25 -21.35 -10.03
CA LEU B 431 -15.50 -20.35 -8.99
C LEU B 431 -16.91 -19.80 -9.08
N VAL B 432 -17.37 -19.57 -10.30
CA VAL B 432 -18.68 -18.96 -10.52
C VAL B 432 -19.81 -19.87 -10.04
N ARG B 433 -19.59 -21.17 -10.17
CA ARG B 433 -20.53 -22.16 -9.61
C ARG B 433 -20.55 -22.03 -8.09
N LEU B 434 -19.35 -21.99 -7.51
CA LEU B 434 -19.19 -22.15 -6.07
C LEU B 434 -19.50 -20.87 -5.31
N PHE B 435 -19.13 -19.74 -5.92
CA PHE B 435 -18.94 -18.52 -5.15
C PHE B 435 -19.74 -17.32 -5.63
N ARG B 436 -19.88 -16.36 -4.72
CA ARG B 436 -20.17 -14.98 -5.09
C ARG B 436 -19.11 -14.08 -4.45
N PHE B 437 -18.58 -13.15 -5.23
CA PHE B 437 -17.49 -12.31 -4.75
C PHE B 437 -17.96 -10.87 -4.54
N ARG B 438 -17.45 -10.26 -3.48
CA ARG B 438 -17.82 -8.88 -3.14
C ARG B 438 -16.59 -8.14 -2.64
N ASN B 439 -16.58 -6.83 -2.85
CA ASN B 439 -15.49 -6.01 -2.36
C ASN B 439 -15.55 -5.84 -0.85
N LEU B 440 -14.41 -5.55 -0.26
CA LEU B 440 -14.36 -5.39 1.18
C LEU B 440 -15.22 -4.21 1.62
N PRO B 441 -15.76 -4.28 2.84
CA PRO B 441 -16.91 -3.42 3.03
C PRO B 441 -16.65 -1.94 2.77
N GLY B 442 -15.47 -1.44 3.15
CA GLY B 442 -15.33 0.01 3.13
C GLY B 442 -15.63 0.59 1.75
N VAL B 443 -14.97 0.07 0.72
CA VAL B 443 -14.79 0.89 -0.47
C VAL B 443 -14.74 0.10 -1.77
N ASP B 444 -15.17 0.76 -2.84
CA ASP B 444 -15.17 0.10 -4.13
C ASP B 444 -13.97 0.51 -4.99
N GLY B 445 -13.92 -0.09 -6.17
CA GLY B 445 -12.79 0.07 -7.07
C GLY B 445 -11.95 -1.19 -7.10
N ILE B 446 -10.83 -1.12 -7.83
CA ILE B 446 -9.89 -2.23 -7.87
C ILE B 446 -8.51 -1.73 -7.43
N PRO B 447 -7.62 -2.68 -7.11
CA PRO B 447 -6.25 -2.38 -6.72
C PRO B 447 -5.49 -1.69 -7.84
N ASP B 448 -4.42 -0.99 -7.46
CA ASP B 448 -3.45 -0.47 -8.43
C ASP B 448 -2.51 -1.59 -8.82
N THR B 449 -1.76 -1.38 -9.90
CA THR B 449 -0.90 -2.42 -10.45
C THR B 449 0.55 -2.24 -10.00
N ASP B 450 1.18 -3.36 -9.65
CA ASP B 450 2.60 -3.36 -9.28
C ASP B 450 3.46 -3.66 -10.50
N TYR B 451 4.27 -2.69 -10.90
CA TYR B 451 5.16 -2.87 -12.03
C TYR B 451 6.61 -3.01 -11.56
N SER B 452 6.79 -3.14 -10.26
CA SER B 452 8.11 -3.26 -9.68
C SER B 452 8.84 -4.48 -10.24
N SER B 453 8.09 -5.57 -10.40
CA SER B 453 8.66 -6.84 -10.85
C SER B 453 8.53 -7.01 -12.36
N LEU B 454 9.15 -8.07 -12.87
CA LEU B 454 9.09 -8.39 -14.28
C LEU B 454 7.64 -8.53 -14.74
N PHE B 455 6.85 -9.27 -13.96
CA PHE B 455 5.42 -9.39 -14.23
C PHE B 455 4.64 -8.36 -13.43
N SER B 456 3.70 -7.70 -14.10
CA SER B 456 2.76 -6.81 -13.43
C SER B 456 1.69 -7.63 -12.73
N LYS B 457 1.27 -7.17 -11.56
CA LYS B 457 0.29 -7.87 -10.74
C LYS B 457 -0.46 -6.88 -9.85
N PRO B 458 -1.54 -7.34 -9.20
CA PRO B 458 -2.19 -6.46 -8.24
C PRO B 458 -1.24 -6.01 -7.15
N LEU B 459 -1.42 -4.79 -6.68
CA LEU B 459 -0.46 -4.15 -5.80
C LEU B 459 -0.87 -4.32 -4.34
N GLY B 460 0.05 -4.84 -3.54
CA GLY B 460 -0.20 -5.03 -2.11
C GLY B 460 -1.08 -6.24 -1.84
N ARG B 461 -1.64 -6.28 -0.64
CA ARG B 461 -2.49 -7.38 -0.19
C ARG B 461 -3.95 -7.02 -0.39
N SER B 462 -4.60 -7.67 -1.34
CA SER B 462 -5.99 -7.39 -1.65
C SER B 462 -6.91 -8.54 -1.20
N PHE B 463 -7.93 -8.18 -0.42
CA PHE B 463 -8.93 -9.14 0.00
C PHE B 463 -10.27 -8.83 -0.69
N VAL B 464 -11.11 -9.85 -0.78
CA VAL B 464 -12.49 -9.64 -1.17
C VAL B 464 -13.40 -10.63 -0.43
N GLU B 465 -14.65 -10.20 -0.21
CA GLU B 465 -15.64 -11.06 0.41
C GLU B 465 -15.90 -12.27 -0.50
N PHE B 466 -16.16 -13.41 0.13
CA PHE B 466 -16.67 -14.56 -0.58
C PHE B 466 -17.88 -15.13 0.16
N GLU B 467 -18.91 -15.47 -0.60
CA GLU B 467 -20.03 -16.24 -0.08
C GLU B 467 -20.33 -17.42 -0.99
N LYS B 468 -20.49 -18.60 -0.38
CA LYS B 468 -20.75 -19.81 -1.14
C LYS B 468 -22.21 -19.88 -1.59
N ARG B 469 -22.41 -20.37 -2.81
CA ARG B 469 -23.71 -20.31 -3.48
C ARG B 469 -24.69 -21.33 -2.89
N HIS B 470 -24.19 -22.54 -2.66
CA HIS B 470 -25.04 -23.65 -2.27
C HIS B 470 -26.11 -23.19 -1.27
CHA HEM C . 1.32 20.63 22.21
CHB HEM C . 1.28 15.96 21.33
CHC HEM C . -3.46 15.93 21.88
CHD HEM C . -3.42 20.65 21.96
C1A HEM C . 1.66 19.35 21.95
C2A HEM C . 2.98 18.95 21.80
C3A HEM C . 2.99 17.65 21.55
C4A HEM C . 1.68 17.22 21.56
CMA HEM C . 4.20 16.82 21.31
CAA HEM C . 4.18 19.86 21.87
CBA HEM C . 4.71 20.26 20.46
CGA HEM C . 5.51 21.55 20.38
O1A HEM C . 5.57 22.14 19.30
O2A HEM C . 6.21 21.97 21.40
C1B HEM C . -0.03 15.60 21.44
C2B HEM C . -0.40 14.27 21.32
C3B HEM C . -1.73 14.24 21.48
C4B HEM C . -2.15 15.61 21.69
CMB HEM C . 0.54 13.13 21.08
CAB HEM C . -2.64 13.11 21.46
CBB HEM C . -2.24 11.90 21.76
C1C HEM C . -3.87 17.21 21.94
C2C HEM C . -5.15 17.62 22.09
C3C HEM C . -5.14 18.99 22.11
C4C HEM C . -3.83 19.38 21.99
CMC HEM C . -6.32 16.71 22.20
CAC HEM C . -6.29 19.87 22.24
CBC HEM C . -7.37 19.44 22.85
C1D HEM C . -2.10 20.96 22.06
C2D HEM C . -1.70 22.33 22.23
C3D HEM C . -0.39 22.34 22.29
C4D HEM C . 0.01 20.95 22.19
CMD HEM C . -2.58 23.53 22.31
CAD HEM C . 0.45 23.55 22.49
CBD HEM C . 1.62 23.65 21.53
CGD HEM C . 2.32 24.96 21.75
O1D HEM C . 3.13 25.38 20.91
O2D HEM C . 2.13 25.65 22.75
NA HEM C . 0.86 18.28 21.76
NB HEM C . -1.07 16.35 21.65
NC HEM C . -3.08 18.29 21.87
ND HEM C . -1.04 20.18 22.03
FE HEM C . -1.05 18.38 21.87
F1 VOR D . -0.95 20.79 14.97
F2 VOR D . 1.98 18.18 13.68
F3 VOR D . -2.81 23.77 18.15
O4 VOR D . 2.37 20.25 17.70
N5 VOR D . -0.07 18.68 17.89
N6 VOR D . 4.37 20.12 15.66
N7 VOR D . -1.18 17.83 17.78
N8 VOR D . -1.06 18.73 19.79
N9 VOR D . 5.43 18.29 14.67
C10 VOR D . 1.36 20.24 16.69
C11 VOR D . 1.97 20.59 15.34
C12 VOR D . 0.70 18.87 16.65
C13 VOR D . 0.29 21.23 17.05
C14 VOR D . 2.32 22.08 15.25
C15 VOR D . 3.18 19.79 15.11
C16 VOR D . -0.88 21.42 16.16
C17 VOR D . 0.30 21.87 18.29
C18 VOR D . 3.13 18.57 14.25
C19 VOR D . -1.90 22.28 16.55
C20 VOR D . -0.74 22.72 18.63
C21 VOR D . -0.05 19.27 19.08
C22 VOR D . -1.82 22.93 17.78
C23 VOR D . 4.31 17.86 14.07
C24 VOR D . 5.46 19.38 15.44
C25 VOR D . -1.75 17.87 19.01
CHA HEM E . 5.70 -15.43 -25.38
CHB HEM E . 2.13 -13.35 -22.99
CHC HEM E . 1.12 -17.55 -20.88
CHD HEM E . 5.07 -19.42 -22.81
C1A HEM E . 4.79 -14.55 -24.90
C2A HEM E . 4.76 -13.21 -25.30
C3A HEM E . 3.78 -12.63 -24.62
C4A HEM E . 3.17 -13.60 -23.83
CMA HEM E . 3.40 -11.19 -24.75
CAA HEM E . 5.72 -12.53 -26.26
CBA HEM E . 6.96 -11.97 -25.53
CGA HEM E . 8.05 -11.30 -26.36
O1A HEM E . 9.20 -11.05 -25.94
O2A HEM E . 7.77 -10.95 -27.50
C1B HEM E . 1.58 -14.37 -22.24
C2B HEM E . 0.46 -14.13 -21.46
C3B HEM E . 0.14 -15.29 -20.86
C4B HEM E . 1.13 -16.26 -21.31
CMB HEM E . -0.27 -12.83 -21.32
CAB HEM E . -0.96 -15.53 -19.94
CBB HEM E . -2.10 -14.95 -20.14
C1C HEM E . 2.09 -18.44 -21.23
C2C HEM E . 2.15 -19.75 -20.84
C3C HEM E . 3.28 -20.28 -21.38
C4C HEM E . 3.90 -19.27 -22.12
CMC HEM E . 1.15 -20.46 -19.99
CAC HEM E . 3.76 -21.65 -21.25
CBC HEM E . 2.94 -22.67 -21.26
C1D HEM E . 5.52 -18.44 -23.68
C2D HEM E . 6.67 -18.65 -24.55
C3D HEM E . 6.87 -17.54 -25.26
C4D HEM E . 5.80 -16.66 -24.83
CMD HEM E . 7.52 -19.89 -24.62
CAD HEM E . 7.93 -17.27 -26.32
CBD HEM E . 9.20 -16.56 -25.83
CGD HEM E . 9.99 -15.98 -26.98
O1D HEM E . 10.61 -14.89 -26.88
O2D HEM E . 10.02 -16.60 -28.06
NA HEM E . 3.83 -14.76 -23.95
NB HEM E . 1.96 -15.63 -22.11
NC HEM E . 3.17 -18.15 -21.99
ND HEM E . 5.04 -17.23 -23.89
FE HEM E . 3.58 -16.47 -23.06
F1 VOR F . 9.30 -14.97 -18.77
F2 VOR F . 8.25 -10.65 -18.29
F3 VOR F . 9.67 -18.86 -21.31
O4 VOR F . 8.14 -12.90 -22.33
N5 VOR F . 6.26 -14.48 -20.70
N6 VOR F . 9.26 -10.55 -21.76
N7 VOR F . 5.48 -15.09 -19.76
N8 VOR F . 5.12 -15.94 -21.69
N9 VOR F . 8.47 -8.47 -21.06
C10 VOR F . 8.42 -13.40 -21.03
C11 VOR F . 9.38 -12.49 -20.31
C12 VOR F . 7.16 -13.46 -20.21
C13 VOR F . 8.78 -14.85 -21.10
C14 VOR F . 10.78 -12.70 -20.84
C15 VOR F . 9.05 -11.08 -20.56
C16 VOR F . 9.20 -15.59 -19.92
C17 VOR F . 8.67 -15.54 -22.27
C18 VOR F . 8.49 -10.19 -19.52
C19 VOR F . 9.49 -16.92 -20.01
C20 VOR F . 8.98 -16.88 -22.33
C21 VOR F . 6.06 -15.02 -21.87
C22 VOR F . 9.39 -17.57 -21.22
C23 VOR F . 8.21 -8.90 -19.83
C24 VOR F . 8.97 -9.28 -21.99
C25 VOR F . 4.77 -16.00 -20.41
#